data_5DHR
#
_entry.id   5DHR
#
_cell.length_a   66.530
_cell.length_b   118.710
_cell.length_c   66.600
_cell.angle_alpha   90.00
_cell.angle_beta   100.43
_cell.angle_gamma   90.00
#
_symmetry.space_group_name_H-M   'P 1 21 1'
#
loop_
_entity.id
_entity.type
_entity.pdbx_description
1 polymer 'NAD kinase 1'
2 non-polymer 'CITRIC ACID'
3 non-polymer "5'-azido-8-[(2-{[2-(1H-benzimidazol-2-yl)ethyl]amino}-2-oxoethyl)sulfanyl]-5'-deoxyadenosine"
4 non-polymer GLYCEROL
5 water water
#
_entity_poly.entity_id   1
_entity_poly.type   'polypeptide(L)'
_entity_poly.pdbx_seq_one_letter_code
;MKYMITSKGDEKSDLLRLNMIAGFGEYDMEYDDVEPEIVISIGGDGTFLSAFHQYEERLDEIAFIGIHTGHLGFYADWRP
AEADKLVKLLAKGEYQKVSYPLLKTTVKYGIGKKEATYLALNESTVKSSGGPFVVDVVINDIHFERFRGDGLCMSTPSGT
TAYNKSLGGALMHPSIEAMQLTEMASINNRVYRTIGSPLVFPKHHVVSLQPVNDKDFQISVDHLSILHRDVQEIRYEVSA
KKIHFARFRSFPFWRRVHDSFIEDLEHHHHHH
;
_entity_poly.pdbx_strand_id   A,B,C,D
#
loop_
_chem_comp.id
_chem_comp.type
_chem_comp.name
_chem_comp.formula
5AJ non-polymer 5'-azido-8-[(2-{[2-(1H-benzimidazol-2-yl)ethyl]amino}-2-oxoethyl)sulfanyl]-5'-deoxyadenosine 'C21 H23 N11 O4 S'
CIT non-polymer 'CITRIC ACID' 'C6 H8 O7'
GOL non-polymer GLYCEROL 'C3 H8 O3'
#
# COMPACT_ATOMS: atom_id res chain seq x y z
N MET A 1 42.76 7.66 -23.22
CA MET A 1 42.85 6.94 -21.96
C MET A 1 42.36 5.51 -22.12
N LYS A 2 42.64 4.68 -21.11
CA LYS A 2 42.25 3.27 -21.15
C LYS A 2 40.74 3.10 -21.01
N TYR A 3 40.19 2.15 -21.76
CA TYR A 3 38.76 1.88 -21.73
C TYR A 3 38.45 0.43 -22.08
N MET A 4 37.22 0.02 -21.84
CA MET A 4 36.75 -1.31 -22.25
C MET A 4 35.24 -1.25 -22.49
N ILE A 5 34.72 -2.25 -23.21
CA ILE A 5 33.30 -2.29 -23.51
C ILE A 5 32.69 -3.66 -23.19
N THR A 6 31.58 -3.64 -22.45
CA THR A 6 30.84 -4.87 -22.16
C THR A 6 29.60 -4.95 -23.04
N SER A 7 29.27 -6.16 -23.48
CA SER A 7 28.13 -6.36 -24.37
C SER A 7 27.09 -7.30 -23.77
N LYS A 8 25.84 -7.09 -24.14
CA LYS A 8 24.74 -7.91 -23.65
C LYS A 8 24.88 -9.36 -24.14
N GLY A 9 25.31 -9.52 -25.39
CA GLY A 9 25.51 -10.83 -25.96
C GLY A 9 24.83 -11.01 -27.30
N ASP A 10 23.77 -10.26 -27.53
CA ASP A 10 23.03 -10.34 -28.79
C ASP A 10 23.84 -9.75 -29.94
N GLU A 11 23.33 -9.92 -31.16
CA GLU A 11 24.02 -9.47 -32.36
C GLU A 11 24.18 -7.95 -32.41
N LYS A 12 23.10 -7.24 -32.11
CA LYS A 12 23.09 -5.78 -32.20
C LYS A 12 24.09 -5.13 -31.24
N SER A 13 24.25 -5.73 -30.06
CA SER A 13 25.17 -5.19 -29.06
C SER A 13 26.62 -5.46 -29.43
N ASP A 14 26.91 -6.70 -29.84
CA ASP A 14 28.26 -7.08 -30.25
C ASP A 14 28.68 -6.29 -31.48
N LEU A 15 27.73 -6.06 -32.38
CA LEU A 15 27.99 -5.31 -33.61
C LEU A 15 28.36 -3.87 -33.29
N LEU A 16 27.59 -3.25 -32.39
CA LEU A 16 27.83 -1.88 -31.97
C LEU A 16 29.16 -1.76 -31.23
N ARG A 17 29.50 -2.80 -30.47
CA ARG A 17 30.74 -2.81 -29.71
C ARG A 17 31.96 -2.75 -30.60
N LEU A 18 31.99 -3.62 -31.62
CA LEU A 18 33.12 -3.70 -32.55
C LEU A 18 33.36 -2.38 -33.27
N ASN A 19 32.28 -1.71 -33.66
CA ASN A 19 32.38 -0.45 -34.39
C ASN A 19 32.83 0.70 -33.50
N MET A 20 32.43 0.66 -32.23
CA MET A 20 32.88 1.66 -31.27
C MET A 20 34.36 1.51 -30.98
N ILE A 21 34.81 0.27 -30.82
CA ILE A 21 36.22 -0.03 -30.61
C ILE A 21 37.06 0.52 -31.76
N ALA A 22 36.62 0.27 -32.98
CA ALA A 22 37.29 0.80 -34.16
C ALA A 22 37.22 2.32 -34.18
N GLY A 23 36.14 2.86 -33.63
CA GLY A 23 35.96 4.30 -33.54
C GLY A 23 36.96 4.95 -32.62
N PHE A 24 37.19 4.32 -31.47
CA PHE A 24 38.17 4.81 -30.50
C PHE A 24 39.59 4.69 -31.04
N GLY A 25 39.78 3.76 -31.97
CA GLY A 25 41.09 3.52 -32.55
C GLY A 25 41.62 4.71 -33.33
N GLU A 26 40.71 5.56 -33.78
CA GLU A 26 41.08 6.75 -34.53
C GLU A 26 41.50 7.90 -33.60
N TYR A 27 41.57 7.60 -32.31
CA TYR A 27 41.98 8.57 -31.31
C TYR A 27 42.99 7.99 -30.34
N ASP A 28 43.31 8.74 -29.29
CA ASP A 28 44.22 8.27 -28.25
C ASP A 28 43.46 7.47 -27.21
N MET A 29 42.97 6.30 -27.62
CA MET A 29 42.19 5.44 -26.73
C MET A 29 42.70 4.00 -26.77
N GLU A 30 43.14 3.50 -25.62
CA GLU A 30 43.67 2.15 -25.52
C GLU A 30 42.63 1.22 -24.89
N TYR A 31 42.42 0.06 -25.50
CA TYR A 31 41.50 -0.92 -24.95
C TYR A 31 42.17 -1.72 -23.84
N ASP A 32 41.58 -1.66 -22.64
CA ASP A 32 42.12 -2.35 -21.49
C ASP A 32 40.99 -2.79 -20.56
N ASP A 33 40.76 -4.10 -20.47
CA ASP A 33 39.71 -4.63 -19.63
C ASP A 33 40.22 -5.01 -18.25
N VAL A 34 41.49 -4.69 -17.99
CA VAL A 34 42.08 -4.95 -16.69
C VAL A 34 42.05 -3.69 -15.82
N GLU A 35 42.54 -2.58 -16.38
CA GLU A 35 42.52 -1.31 -15.68
C GLU A 35 41.95 -0.19 -16.54
N PRO A 36 40.64 -0.26 -16.83
CA PRO A 36 40.01 0.78 -17.65
C PRO A 36 39.69 2.04 -16.84
N GLU A 37 39.73 3.19 -17.49
CA GLU A 37 39.29 4.43 -16.86
C GLU A 37 37.83 4.69 -17.23
N ILE A 38 37.43 4.14 -18.37
CA ILE A 38 36.05 4.25 -18.85
C ILE A 38 35.48 2.86 -19.14
N VAL A 39 34.30 2.59 -18.61
CA VAL A 39 33.61 1.34 -18.90
C VAL A 39 32.28 1.61 -19.59
N ILE A 40 32.15 1.08 -20.80
CA ILE A 40 30.92 1.29 -21.59
C ILE A 40 30.08 0.02 -21.64
N SER A 41 28.87 0.11 -21.11
CA SER A 41 27.95 -1.02 -21.08
C SER A 41 26.91 -0.92 -22.19
N ILE A 42 26.83 -1.97 -23.02
CA ILE A 42 25.88 -1.99 -24.12
C ILE A 42 24.86 -3.12 -23.94
N GLY A 43 23.61 -2.73 -23.71
CA GLY A 43 22.54 -3.69 -23.53
C GLY A 43 21.38 -3.13 -22.73
N GLY A 44 21.42 -3.34 -21.41
CA GLY A 44 20.37 -2.85 -20.53
C GLY A 44 20.90 -2.60 -19.14
N ASP A 45 19.99 -2.42 -18.18
CA ASP A 45 20.38 -2.18 -16.79
C ASP A 45 21.02 -3.42 -16.18
N GLY A 46 20.52 -4.59 -16.56
CA GLY A 46 21.08 -5.85 -16.10
C GLY A 46 22.50 -6.04 -16.58
N THR A 47 22.75 -5.68 -17.84
CA THR A 47 24.09 -5.75 -18.41
C THR A 47 25.00 -4.73 -17.72
N PHE A 48 24.44 -3.56 -17.44
CA PHE A 48 25.16 -2.51 -16.72
C PHE A 48 25.49 -2.98 -15.31
N LEU A 49 24.58 -3.77 -14.75
CA LEU A 49 24.76 -4.30 -13.40
C LEU A 49 25.93 -5.25 -13.33
N SER A 50 26.13 -6.01 -14.41
CA SER A 50 27.23 -6.97 -14.47
C SER A 50 28.57 -6.26 -14.63
N ALA A 51 28.57 -5.19 -15.41
CA ALA A 51 29.79 -4.41 -15.63
C ALA A 51 30.24 -3.73 -14.35
N PHE A 52 29.28 -3.30 -13.54
CA PHE A 52 29.56 -2.67 -12.27
C PHE A 52 30.27 -3.61 -11.31
N HIS A 53 29.73 -4.82 -11.17
CA HIS A 53 30.28 -5.81 -10.26
C HIS A 53 31.57 -6.42 -10.81
N GLN A 54 31.78 -6.27 -12.11
CA GLN A 54 33.01 -6.74 -12.73
C GLN A 54 34.18 -5.87 -12.31
N TYR A 55 33.90 -4.60 -12.06
CA TYR A 55 34.94 -3.64 -11.68
C TYR A 55 34.59 -2.91 -10.39
N GLU A 56 34.14 -3.66 -9.38
CA GLU A 56 33.77 -3.06 -8.11
C GLU A 56 34.97 -2.86 -7.20
N GLU A 57 36.16 -3.21 -7.70
CA GLU A 57 37.39 -2.99 -6.96
C GLU A 57 38.13 -1.75 -7.48
N ARG A 58 37.59 -1.14 -8.52
CA ARG A 58 38.21 0.03 -9.14
C ARG A 58 37.20 1.13 -9.43
N LEU A 59 36.16 1.22 -8.60
CA LEU A 59 35.10 2.20 -8.81
C LEU A 59 35.59 3.64 -8.68
N ASP A 60 36.73 3.84 -8.03
CA ASP A 60 37.27 5.17 -7.80
C ASP A 60 37.96 5.74 -9.03
N GLU A 61 38.37 4.85 -9.94
CA GLU A 61 39.10 5.27 -11.13
C GLU A 61 38.34 4.94 -12.42
N ILE A 62 37.02 4.82 -12.31
CA ILE A 62 36.22 4.43 -13.46
C ILE A 62 34.96 5.26 -13.61
N ALA A 63 34.76 5.81 -14.82
CA ALA A 63 33.53 6.49 -15.17
C ALA A 63 32.70 5.62 -16.11
N PHE A 64 31.53 5.19 -15.66
CA PHE A 64 30.70 4.28 -16.43
C PHE A 64 29.82 4.98 -17.46
N ILE A 65 29.55 4.29 -18.56
CA ILE A 65 28.66 4.78 -19.60
C ILE A 65 27.73 3.66 -20.05
N GLY A 66 26.43 3.95 -20.11
CA GLY A 66 25.45 2.95 -20.46
C GLY A 66 24.77 3.22 -21.79
N ILE A 67 24.67 2.19 -22.62
CA ILE A 67 23.95 2.28 -23.89
C ILE A 67 22.89 1.19 -23.98
N HIS A 68 21.64 1.59 -24.13
CA HIS A 68 20.54 0.64 -24.22
C HIS A 68 20.27 0.26 -25.66
N THR A 69 20.19 -1.04 -25.93
CA THR A 69 19.91 -1.53 -27.28
C THR A 69 18.41 -1.73 -27.47
N GLY A 70 17.69 -1.90 -26.36
CA GLY A 70 16.26 -2.06 -26.39
C GLY A 70 15.54 -0.89 -25.73
N HIS A 71 14.73 -1.20 -24.73
CA HIS A 71 14.00 -0.16 -24.01
C HIS A 71 14.93 0.69 -23.15
N LEU A 72 14.44 1.86 -22.74
CA LEU A 72 15.23 2.80 -21.95
C LEU A 72 15.48 2.27 -20.54
N GLY A 73 16.73 2.34 -20.10
CA GLY A 73 17.09 1.93 -18.76
C GLY A 73 17.56 3.12 -17.93
N PHE A 74 17.52 2.97 -16.60
CA PHE A 74 17.91 4.05 -15.71
C PHE A 74 19.42 4.24 -15.66
N TYR A 75 20.17 3.22 -16.07
CA TYR A 75 21.62 3.32 -16.12
C TYR A 75 22.10 3.39 -17.57
N ALA A 76 21.36 2.75 -18.46
CA ALA A 76 21.69 2.78 -19.89
C ALA A 76 20.92 3.88 -20.61
N ASP A 77 21.47 5.09 -20.62
CA ASP A 77 20.78 6.23 -21.22
C ASP A 77 20.98 6.30 -22.75
N TRP A 78 22.23 6.22 -23.19
CA TRP A 78 22.60 6.52 -24.57
C TRP A 78 21.92 5.63 -25.60
N ARG A 79 21.46 6.24 -26.68
CA ARG A 79 20.87 5.51 -27.79
C ARG A 79 21.99 5.01 -28.71
N PRO A 80 21.81 3.82 -29.31
CA PRO A 80 22.80 3.23 -30.21
C PRO A 80 23.20 4.14 -31.38
N ALA A 81 22.29 5.03 -31.78
CA ALA A 81 22.56 5.96 -32.85
C ALA A 81 23.48 7.08 -32.38
N GLU A 82 23.57 7.26 -31.07
CA GLU A 82 24.42 8.29 -30.49
C GLU A 82 25.81 7.76 -30.16
N ALA A 83 26.10 6.55 -30.60
CA ALA A 83 27.39 5.92 -30.33
C ALA A 83 28.52 6.67 -31.05
N ASP A 84 28.22 7.18 -32.24
CA ASP A 84 29.19 7.94 -33.02
C ASP A 84 29.53 9.26 -32.34
N LYS A 85 28.51 9.90 -31.78
CA LYS A 85 28.70 11.16 -31.08
C LYS A 85 29.39 10.95 -29.73
N LEU A 86 29.24 9.73 -29.21
CA LEU A 86 29.79 9.38 -27.91
C LEU A 86 31.29 9.16 -27.98
N VAL A 87 31.73 8.50 -29.04
CA VAL A 87 33.13 8.11 -29.19
C VAL A 87 34.04 9.32 -29.38
N LYS A 88 33.46 10.45 -29.78
CA LYS A 88 34.24 11.66 -30.04
C LYS A 88 34.30 12.56 -28.81
N LEU A 89 33.20 12.63 -28.08
CA LEU A 89 33.15 13.43 -26.86
C LEU A 89 34.01 12.81 -25.77
N LEU A 90 34.19 11.49 -25.84
CA LEU A 90 35.04 10.77 -24.90
C LEU A 90 36.53 11.00 -25.20
N ALA A 91 36.89 10.91 -26.47
CA ALA A 91 38.28 11.06 -26.90
C ALA A 91 38.84 12.43 -26.53
N LYS A 92 38.02 13.46 -26.71
CA LYS A 92 38.42 14.82 -26.37
C LYS A 92 38.44 15.03 -24.86
N GLY A 93 37.69 14.18 -24.14
CA GLY A 93 37.56 14.30 -22.71
C GLY A 93 36.52 15.34 -22.36
N GLU A 94 35.68 15.67 -23.33
CA GLU A 94 34.65 16.68 -23.15
C GLU A 94 33.44 16.11 -22.42
N TYR A 95 33.60 15.91 -21.10
CA TYR A 95 32.52 15.39 -20.27
C TYR A 95 32.77 15.66 -18.79
N GLN A 96 31.70 15.70 -18.01
CA GLN A 96 31.80 15.86 -16.57
C GLN A 96 31.42 14.57 -15.87
N LYS A 97 31.69 14.48 -14.58
CA LYS A 97 31.46 13.25 -13.83
C LYS A 97 30.43 13.43 -12.71
N VAL A 98 29.45 12.54 -12.68
CA VAL A 98 28.41 12.54 -11.65
C VAL A 98 28.47 11.25 -10.85
N SER A 99 28.25 11.34 -9.55
CA SER A 99 28.38 10.18 -8.67
C SER A 99 27.08 9.81 -7.96
N TYR A 100 26.80 8.51 -7.91
CA TYR A 100 25.65 8.00 -7.16
C TYR A 100 26.13 7.22 -5.94
N PRO A 101 25.39 7.31 -4.83
CA PRO A 101 25.71 6.56 -3.61
C PRO A 101 25.56 5.05 -3.81
N LEU A 102 26.21 4.27 -2.95
CA LEU A 102 26.13 2.82 -3.02
C LEU A 102 25.75 2.24 -1.66
N LEU A 103 25.40 0.96 -1.65
CA LEU A 103 25.02 0.28 -0.41
C LEU A 103 26.05 -0.76 0.01
N LYS A 104 26.51 -0.65 1.25
CA LYS A 104 27.44 -1.62 1.80
C LYS A 104 26.69 -2.68 2.61
N THR A 105 26.97 -3.96 2.30
CA THR A 105 26.32 -5.06 2.99
C THR A 105 27.35 -5.96 3.66
N THR A 106 27.33 -6.00 4.99
CA THR A 106 28.27 -6.82 5.74
C THR A 106 27.58 -8.04 6.35
N VAL A 107 28.13 -9.22 6.08
CA VAL A 107 27.57 -10.46 6.61
C VAL A 107 28.53 -11.09 7.61
N LYS A 108 28.13 -11.13 8.87
CA LYS A 108 28.95 -11.71 9.92
C LYS A 108 28.48 -13.11 10.30
N TYR A 109 29.41 -14.03 10.46
CA TYR A 109 29.08 -15.42 10.76
C TYR A 109 29.54 -15.80 12.16
N GLY A 110 29.31 -17.06 12.54
CA GLY A 110 29.73 -17.56 13.83
C GLY A 110 31.25 -17.67 13.93
N ILE A 111 31.78 -17.34 15.09
CA ILE A 111 33.22 -17.39 15.32
C ILE A 111 33.72 -18.83 15.38
N LYS A 113 34.19 -18.27 8.41
CA LYS A 113 34.01 -17.67 9.73
C LYS A 113 34.20 -16.17 9.69
N LYS A 114 35.02 -15.71 8.74
CA LYS A 114 35.30 -14.28 8.59
C LYS A 114 34.15 -13.59 7.87
N GLU A 115 33.95 -12.31 8.17
CA GLU A 115 32.84 -11.56 7.59
C GLU A 115 33.06 -11.31 6.09
N ALA A 116 31.97 -11.04 5.39
CA ALA A 116 32.03 -10.75 3.96
C ALA A 116 31.26 -9.48 3.65
N THR A 117 31.92 -8.54 2.98
CA THR A 117 31.29 -7.26 2.62
C THR A 117 30.93 -7.23 1.13
N TYR A 118 29.80 -6.59 0.82
CA TYR A 118 29.33 -6.49 -0.56
C TYR A 118 28.84 -5.09 -0.89
N LEU A 119 29.09 -4.65 -2.12
CA LEU A 119 28.59 -3.37 -2.60
C LEU A 119 27.43 -3.60 -3.57
N ALA A 120 26.36 -2.82 -3.41
CA ALA A 120 25.19 -2.95 -4.27
C ALA A 120 24.92 -1.65 -5.02
N LEU A 121 24.52 -1.76 -6.27
CA LEU A 121 24.16 -0.60 -7.08
C LEU A 121 22.66 -0.36 -7.01
N ASN A 122 21.89 -1.44 -7.04
CA ASN A 122 20.44 -1.36 -6.92
C ASN A 122 19.97 -1.58 -5.49
N GLU A 123 20.02 -2.82 -5.04
CA GLU A 123 19.56 -3.15 -3.70
C GLU A 123 20.16 -4.46 -3.18
N SER A 124 19.99 -4.69 -1.88
CA SER A 124 20.36 -5.95 -1.26
C SER A 124 19.19 -6.47 -0.45
N THR A 125 18.79 -7.71 -0.71
CA THR A 125 17.65 -8.28 -0.01
C THR A 125 18.04 -9.50 0.82
N VAL A 126 17.31 -9.70 1.93
CA VAL A 126 17.51 -10.85 2.78
C VAL A 126 16.22 -11.64 2.92
N LYS A 127 16.24 -12.91 2.55
CA LYS A 127 15.09 -13.78 2.69
C LYS A 127 15.49 -15.06 3.41
N SER A 128 14.51 -15.89 3.73
CA SER A 128 14.78 -17.12 4.48
C SER A 128 15.41 -18.19 3.60
N SER A 129 15.72 -19.33 4.19
CA SER A 129 16.31 -20.45 3.46
C SER A 129 15.25 -21.52 3.19
N GLY A 130 14.00 -21.20 3.48
CA GLY A 130 12.91 -22.12 3.25
C GLY A 130 11.68 -21.80 4.08
N GLY A 131 11.82 -21.85 5.40
CA GLY A 131 10.71 -21.57 6.30
C GLY A 131 10.43 -20.09 6.44
N PRO A 132 9.76 -19.70 7.54
CA PRO A 132 9.46 -18.29 7.81
C PRO A 132 10.72 -17.45 8.00
N PHE A 133 10.67 -16.21 7.51
CA PHE A 133 11.79 -15.29 7.68
C PHE A 133 11.56 -14.40 8.90
N VAL A 134 12.31 -14.68 9.96
CA VAL A 134 12.16 -13.95 11.21
C VAL A 134 13.48 -13.35 11.69
N VAL A 135 13.58 -12.03 11.68
CA VAL A 135 14.78 -11.34 12.15
C VAL A 135 14.44 -10.16 13.05
N ASP A 136 15.42 -9.73 13.84
CA ASP A 136 15.28 -8.52 14.64
C ASP A 136 15.97 -7.35 13.94
N VAL A 137 15.22 -6.29 13.68
CA VAL A 137 15.78 -5.10 13.05
C VAL A 137 16.34 -4.16 14.11
N VAL A 138 17.65 -3.97 14.09
CA VAL A 138 18.32 -3.13 15.07
C VAL A 138 18.92 -1.89 14.42
N ILE A 139 18.37 -0.72 14.75
CA ILE A 139 18.82 0.53 14.17
C ILE A 139 19.74 1.29 15.13
N ASN A 140 21.01 1.43 14.74
CA ASN A 140 22.02 2.09 15.56
C ASN A 140 22.09 1.49 16.96
N ASP A 141 22.29 0.17 17.00
CA ASP A 141 22.44 -0.59 18.24
C ASP A 141 21.17 -0.58 19.10
N ILE A 142 20.08 -0.11 18.55
CA ILE A 142 18.80 -0.08 19.27
C ILE A 142 17.75 -0.90 18.53
N HIS A 143 17.10 -1.82 19.24
CA HIS A 143 16.06 -2.65 18.65
C HIS A 143 14.88 -1.82 18.17
N PHE A 144 14.40 -2.11 16.97
CA PHE A 144 13.32 -1.34 16.36
C PHE A 144 12.05 -2.17 16.19
N GLU A 145 12.21 -3.39 15.70
CA GLU A 145 11.07 -4.26 15.41
C GLU A 145 11.50 -5.71 15.24
N ARG A 146 10.57 -6.63 15.48
CA ARG A 146 10.79 -8.04 15.15
C ARG A 146 9.98 -8.41 13.92
N PHE A 147 10.69 -8.62 12.81
CA PHE A 147 10.07 -8.80 11.51
C PHE A 147 9.76 -10.27 11.21
N ARG A 148 8.57 -10.53 10.68
CA ARG A 148 8.21 -11.84 10.18
C ARG A 148 7.50 -11.71 8.83
N GLY A 149 8.03 -12.38 7.82
CA GLY A 149 7.45 -12.33 6.49
C GLY A 149 8.29 -13.01 5.45
N ASP A 150 8.34 -12.44 4.26
CA ASP A 150 9.13 -13.01 3.16
C ASP A 150 10.57 -12.52 3.20
N GLY A 151 10.76 -11.25 3.50
CA GLY A 151 12.11 -10.69 3.57
C GLY A 151 12.17 -9.19 3.78
N LEU A 152 13.39 -8.65 3.64
CA LEU A 152 13.63 -7.22 3.76
C LEU A 152 14.50 -6.74 2.61
N CYS A 153 14.18 -5.57 2.07
CA CYS A 153 14.92 -5.02 0.94
C CYS A 153 15.54 -3.67 1.28
N MET A 154 16.87 -3.58 1.17
CA MET A 154 17.56 -2.31 1.36
C MET A 154 18.06 -1.81 0.02
N SER A 155 17.59 -0.64 -0.40
CA SER A 155 17.86 -0.13 -1.74
C SER A 155 18.74 1.12 -1.75
N THR A 156 19.49 1.28 -2.84
CA THR A 156 20.24 2.50 -3.10
C THR A 156 19.28 3.55 -3.65
N PRO A 157 19.68 4.83 -3.65
CA PRO A 157 18.83 5.87 -4.22
C PRO A 157 18.49 5.62 -5.70
N SER A 158 19.49 5.22 -6.49
CA SER A 158 19.28 4.92 -7.89
C SER A 158 18.57 3.58 -8.07
N GLY A 159 18.59 2.77 -7.02
CA GLY A 159 17.96 1.46 -7.06
C GLY A 159 16.50 1.50 -6.65
N THR A 160 16.02 2.69 -6.30
CA THR A 160 14.64 2.86 -5.86
C THR A 160 13.64 2.66 -6.99
N THR A 161 14.09 2.88 -8.23
CA THR A 161 13.22 2.71 -9.39
C THR A 161 13.14 1.26 -9.84
N ALA A 162 13.75 0.37 -9.07
CA ALA A 162 13.80 -1.04 -9.41
C ALA A 162 12.89 -1.88 -8.51
N TYR A 163 13.49 -2.87 -7.85
CA TYR A 163 12.75 -3.77 -6.96
C TYR A 163 12.03 -2.99 -5.86
N ASN A 164 12.68 -1.93 -5.38
CA ASN A 164 12.12 -1.09 -4.33
C ASN A 164 10.74 -0.54 -4.68
N LYS A 165 10.58 -0.06 -5.92
CA LYS A 165 9.33 0.53 -6.34
C LYS A 165 8.20 -0.50 -6.42
N SER A 166 8.53 -1.70 -6.89
CA SER A 166 7.57 -2.79 -6.98
C SER A 166 7.08 -3.21 -5.61
N LEU A 167 7.92 -3.00 -4.59
CA LEU A 167 7.59 -3.36 -3.23
C LEU A 167 6.87 -2.22 -2.49
N GLY A 168 6.61 -1.13 -3.20
CA GLY A 168 5.89 -0.01 -2.63
C GLY A 168 6.79 1.07 -2.06
N GLY A 169 8.08 0.99 -2.38
CA GLY A 169 9.04 1.95 -1.89
C GLY A 169 8.92 3.31 -2.56
N ALA A 170 9.51 4.33 -1.93
CA ALA A 170 9.49 5.67 -2.48
C ALA A 170 10.61 5.88 -3.48
N LEU A 171 10.35 6.69 -4.51
CA LEU A 171 11.37 7.00 -5.50
C LEU A 171 12.22 8.18 -5.04
N MET A 172 13.51 7.93 -4.84
CA MET A 172 14.42 8.98 -4.41
C MET A 172 15.30 9.44 -5.56
N HIS A 173 15.70 10.70 -5.51
CA HIS A 173 16.64 11.24 -6.48
C HIS A 173 18.06 10.80 -6.11
N PRO A 174 18.82 10.27 -7.09
CA PRO A 174 20.14 9.69 -6.87
C PRO A 174 21.18 10.65 -6.31
N SER A 175 20.85 11.94 -6.22
CA SER A 175 21.78 12.90 -5.64
C SER A 175 21.77 12.80 -4.12
N ILE A 176 20.67 12.28 -3.59
CA ILE A 176 20.52 12.11 -2.14
C ILE A 176 21.32 10.93 -1.63
N GLU A 177 22.22 11.19 -0.68
CA GLU A 177 23.04 10.13 -0.10
C GLU A 177 22.30 9.43 1.03
N ALA A 178 21.59 8.36 0.69
CA ALA A 178 20.79 7.63 1.67
C ALA A 178 20.56 6.19 1.23
N MET A 179 19.84 5.44 2.07
CA MET A 179 19.43 4.08 1.73
C MET A 179 18.01 3.85 2.24
N GLN A 180 17.25 3.04 1.52
CA GLN A 180 15.85 2.85 1.86
C GLN A 180 15.50 1.39 2.16
N LEU A 181 14.84 1.17 3.29
CA LEU A 181 14.45 -0.16 3.72
C LEU A 181 12.95 -0.41 3.50
N THR A 182 12.63 -1.40 2.68
CA THR A 182 11.24 -1.74 2.41
C THR A 182 10.92 -3.16 2.85
N GLU A 183 9.68 -3.37 3.29
CA GLU A 183 9.23 -4.68 3.75
C GLU A 183 8.86 -5.57 2.58
N MET A 184 9.02 -6.88 2.77
CA MET A 184 8.58 -7.85 1.78
C MET A 184 7.55 -8.79 2.40
N ALA A 185 6.28 -8.44 2.23
CA ALA A 185 5.16 -9.23 2.75
C ALA A 185 5.26 -9.49 4.25
N SER A 186 5.29 -8.42 5.03
CA SER A 186 5.30 -8.53 6.48
C SER A 186 3.95 -8.96 7.01
N ILE A 187 3.94 -9.87 7.97
CA ILE A 187 2.69 -10.34 8.56
C ILE A 187 2.09 -9.22 9.44
N ASN A 188 2.97 -8.43 10.04
CA ASN A 188 2.60 -7.26 10.84
C ASN A 188 1.44 -7.49 11.80
N ASN A 189 1.63 -8.39 12.75
CA ASN A 189 0.58 -8.69 13.72
C ASN A 189 0.96 -8.28 15.14
N ARG A 190 0.26 -8.83 16.13
CA ARG A 190 0.51 -8.52 17.52
C ARG A 190 1.90 -8.96 17.96
N VAL A 191 2.28 -10.18 17.59
CA VAL A 191 3.56 -10.73 17.98
C VAL A 191 4.70 -10.09 17.18
N TYR A 192 4.47 -9.91 15.88
CA TYR A 192 5.49 -9.34 15.01
C TYR A 192 5.05 -8.00 14.41
N ARG A 193 5.01 -6.97 15.25
CA ARG A 193 4.60 -5.64 14.82
C ARG A 193 5.72 -4.93 14.06
N THR A 194 5.43 -4.54 12.82
CA THR A 194 6.39 -3.81 12.00
C THR A 194 5.85 -2.45 11.60
N ILE A 195 6.75 -1.56 11.19
CA ILE A 195 6.39 -0.18 10.88
C ILE A 195 5.51 -0.07 9.63
N GLY A 196 5.70 -0.99 8.69
CA GLY A 196 4.94 -0.96 7.45
C GLY A 196 5.51 0.02 6.45
N SER A 197 5.72 1.25 6.90
CA SER A 197 6.25 2.31 6.05
C SER A 197 7.72 2.05 5.69
N PRO A 198 8.11 2.43 4.47
CA PRO A 198 9.52 2.36 4.06
C PRO A 198 10.37 3.31 4.89
N LEU A 199 11.58 2.91 5.23
CA LEU A 199 12.46 3.75 6.04
C LEU A 199 13.65 4.24 5.23
N VAL A 200 13.89 5.54 5.27
CA VAL A 200 15.03 6.13 4.56
C VAL A 200 16.12 6.54 5.53
N PHE A 201 17.25 5.82 5.50
CA PHE A 201 18.35 6.07 6.41
C PHE A 201 19.44 6.91 5.76
N PRO A 202 19.95 7.91 6.48
CA PRO A 202 21.04 8.75 5.99
C PRO A 202 22.40 8.06 6.15
N LYS A 203 23.48 8.77 5.84
CA LYS A 203 24.82 8.22 6.01
C LYS A 203 25.13 7.98 7.48
N HIS A 204 26.11 7.12 7.74
CA HIS A 204 26.59 6.80 9.09
C HIS A 204 25.52 6.16 9.98
N HIS A 205 24.41 5.76 9.37
CA HIS A 205 23.38 4.99 10.08
C HIS A 205 23.54 3.51 9.75
N VAL A 206 23.41 2.66 10.76
CA VAL A 206 23.61 1.22 10.56
C VAL A 206 22.37 0.42 10.90
N VAL A 207 21.85 -0.30 9.91
CA VAL A 207 20.71 -1.18 10.12
C VAL A 207 21.19 -2.63 10.27
N SER A 208 20.98 -3.19 11.45
CA SER A 208 21.43 -4.55 11.74
C SER A 208 20.28 -5.54 11.73
N LEU A 209 20.41 -6.57 10.90
CA LEU A 209 19.43 -7.65 10.85
C LEU A 209 19.96 -8.86 11.59
N GLN A 210 19.32 -9.21 12.70
CA GLN A 210 19.80 -10.29 13.56
C GLN A 210 18.80 -11.42 13.66
N PRO A 211 19.26 -12.65 13.42
CA PRO A 211 18.43 -13.87 13.41
C PRO A 211 17.74 -14.11 14.76
N VAL A 212 16.58 -14.75 14.72
CA VAL A 212 15.84 -15.09 15.93
C VAL A 212 15.93 -16.59 16.20
N ASN A 213 15.66 -17.39 15.19
CA ASN A 213 15.78 -18.84 15.29
C ASN A 213 16.67 -19.41 14.20
N ASP A 214 16.20 -19.32 12.95
CA ASP A 214 16.97 -19.82 11.81
C ASP A 214 18.16 -18.91 11.54
N LYS A 215 19.31 -19.50 11.25
CA LYS A 215 20.53 -18.74 11.00
C LYS A 215 20.95 -18.79 9.54
N ASP A 216 20.15 -19.46 8.72
CA ASP A 216 20.41 -19.55 7.29
C ASP A 216 19.53 -18.59 6.51
N PHE A 217 20.13 -17.78 5.65
CA PHE A 217 19.39 -16.77 4.91
C PHE A 217 19.79 -16.71 3.43
N GLN A 218 18.81 -16.47 2.59
CA GLN A 218 19.05 -16.26 1.16
C GLN A 218 19.35 -14.80 0.91
N ILE A 219 20.63 -14.44 0.90
CA ILE A 219 21.06 -13.06 0.71
C ILE A 219 21.30 -12.76 -0.76
N SER A 220 20.70 -11.68 -1.25
CA SER A 220 20.87 -11.28 -2.64
C SER A 220 21.47 -9.89 -2.76
N VAL A 221 22.42 -9.74 -3.67
CA VAL A 221 22.98 -8.42 -3.99
C VAL A 221 22.80 -8.16 -5.48
N ASP A 222 21.88 -7.25 -5.79
CA ASP A 222 21.51 -6.94 -7.18
C ASP A 222 21.04 -8.19 -7.91
N HIS A 223 21.83 -8.65 -8.88
CA HIS A 223 21.45 -9.82 -9.66
C HIS A 223 21.88 -11.12 -8.99
N LEU A 224 22.92 -11.05 -8.18
CA LEU A 224 23.47 -12.23 -7.53
C LEU A 224 22.70 -12.58 -6.26
N SER A 225 22.41 -13.86 -6.08
CA SER A 225 21.68 -14.34 -4.90
C SER A 225 22.18 -15.69 -4.45
N ILE A 226 22.89 -15.71 -3.32
CA ILE A 226 23.44 -16.95 -2.80
C ILE A 226 22.98 -17.21 -1.36
N LEU A 227 23.10 -18.47 -0.93
CA LEU A 227 22.68 -18.86 0.41
C LEU A 227 23.82 -18.72 1.42
N HIS A 228 23.54 -18.05 2.54
CA HIS A 228 24.52 -17.90 3.60
C HIS A 228 24.10 -18.68 4.83
N ARG A 229 25.02 -19.48 5.37
CA ARG A 229 24.74 -20.29 6.54
C ARG A 229 25.47 -19.78 7.78
N ASP A 230 24.91 -20.07 8.95
CA ASP A 230 25.48 -19.67 10.23
C ASP A 230 25.69 -18.17 10.31
N VAL A 231 24.67 -17.41 9.91
CA VAL A 231 24.73 -15.96 9.96
C VAL A 231 24.33 -15.45 11.34
N GLN A 232 25.11 -14.52 11.89
CA GLN A 232 24.80 -13.94 13.19
C GLN A 232 24.33 -12.50 13.05
N GLU A 233 24.69 -11.85 11.95
CA GLU A 233 24.35 -10.45 11.74
C GLU A 233 24.50 -10.01 10.29
N ILE A 234 23.55 -9.23 9.81
CA ILE A 234 23.62 -8.61 8.50
C ILE A 234 23.50 -7.09 8.64
N ARG A 235 24.58 -6.37 8.35
CA ARG A 235 24.62 -4.94 8.56
C ARG A 235 24.46 -4.14 7.27
N TYR A 236 23.61 -3.13 7.31
CA TYR A 236 23.42 -2.24 6.17
C TYR A 236 23.82 -0.81 6.51
N GLU A 237 24.58 -0.19 5.60
CA GLU A 237 24.99 1.21 5.77
C GLU A 237 25.42 1.78 4.42
N VAL A 238 25.24 3.09 4.25
CA VAL A 238 25.64 3.75 3.03
C VAL A 238 27.16 3.72 2.89
N SER A 239 27.63 3.11 1.81
CA SER A 239 29.07 2.96 1.56
C SER A 239 29.73 4.31 1.31
N ALA A 240 31.01 4.40 1.65
CA ALA A 240 31.79 5.61 1.39
C ALA A 240 32.19 5.66 -0.08
N LYS A 241 32.12 4.51 -0.74
CA LYS A 241 32.43 4.41 -2.16
C LYS A 241 31.22 4.77 -3.01
N LYS A 242 31.46 5.43 -4.14
CA LYS A 242 30.39 5.83 -5.04
C LYS A 242 30.70 5.41 -6.48
N ILE A 243 29.65 5.17 -7.26
CA ILE A 243 29.82 4.88 -8.67
C ILE A 243 29.80 6.18 -9.48
N HIS A 244 30.75 6.33 -10.39
CA HIS A 244 30.89 7.57 -11.14
C HIS A 244 30.42 7.41 -12.58
N PHE A 245 29.63 8.37 -13.05
CA PHE A 245 29.09 8.36 -14.40
C PHE A 245 29.69 9.48 -15.25
N ALA A 246 30.01 9.17 -16.50
CA ALA A 246 30.47 10.18 -17.44
C ALA A 246 29.26 10.94 -17.98
N ARG A 247 29.20 12.23 -17.68
CA ARG A 247 28.06 13.04 -18.09
C ARG A 247 28.38 13.90 -19.31
N PHE A 248 27.51 13.80 -20.32
CA PHE A 248 27.66 14.59 -21.54
C PHE A 248 26.42 15.46 -21.73
N ARG A 249 25.28 14.79 -21.92
CA ARG A 249 24.00 15.47 -22.04
C ARG A 249 23.45 15.82 -20.66
N SER A 250 22.14 16.05 -20.59
CA SER A 250 21.48 16.33 -19.32
C SER A 250 20.14 15.62 -19.26
N PHE A 251 20.18 14.32 -18.99
CA PHE A 251 18.98 13.50 -18.90
C PHE A 251 18.46 13.50 -17.46
N PRO A 252 17.33 14.19 -17.22
CA PRO A 252 16.76 14.26 -15.87
C PRO A 252 16.35 12.89 -15.34
N PHE A 253 16.61 12.65 -14.07
CA PHE A 253 16.23 11.40 -13.43
C PHE A 253 14.71 11.24 -13.40
N TRP A 254 14.00 12.35 -13.23
CA TRP A 254 12.56 12.32 -13.15
C TRP A 254 11.92 12.14 -14.52
N ARG A 255 12.65 12.50 -15.57
CA ARG A 255 12.19 12.27 -16.93
C ARG A 255 12.33 10.79 -17.27
N ARG A 256 13.42 10.18 -16.82
CA ARG A 256 13.63 8.75 -16.99
C ARG A 256 12.55 7.95 -16.28
N VAL A 257 12.17 8.43 -15.09
CA VAL A 257 11.06 7.84 -14.36
C VAL A 257 9.76 8.05 -15.12
N HIS A 258 9.60 9.25 -15.68
CA HIS A 258 8.43 9.61 -16.47
C HIS A 258 8.30 8.71 -17.70
N ASP A 259 9.42 8.50 -18.40
CA ASP A 259 9.42 7.73 -19.64
C ASP A 259 9.24 6.24 -19.40
N SER A 260 9.58 5.78 -18.19
CA SER A 260 9.56 4.36 -17.89
C SER A 260 8.23 3.87 -17.33
N PHE A 261 7.63 4.67 -16.45
CA PHE A 261 6.43 4.23 -15.73
C PHE A 261 5.16 4.94 -16.18
N ILE A 262 5.29 6.18 -16.66
CA ILE A 262 4.14 6.93 -17.10
C ILE A 262 3.95 6.80 -18.61
N GLU A 263 4.75 7.54 -19.37
CA GLU A 263 4.70 7.49 -20.82
C GLU A 263 5.99 8.01 -21.45
N ASP A 264 6.32 7.50 -22.63
CA ASP A 264 7.53 7.92 -23.34
C ASP A 264 7.16 8.68 -24.61
N MET B 1 19.03 33.72 29.24
CA MET B 1 18.62 34.47 28.07
C MET B 1 17.09 34.56 28.00
N LYS B 2 16.59 35.24 26.97
CA LYS B 2 15.15 35.43 26.81
C LYS B 2 14.45 34.14 26.39
N TYR B 3 13.24 33.95 26.89
CA TYR B 3 12.48 32.73 26.60
C TYR B 3 10.98 32.96 26.77
N MET B 4 10.19 31.99 26.35
CA MET B 4 8.74 32.01 26.57
C MET B 4 8.18 30.59 26.52
N ILE B 5 6.95 30.42 27.02
CA ILE B 5 6.31 29.12 27.02
C ILE B 5 4.89 29.19 26.47
N THR B 6 4.60 28.33 25.49
CA THR B 6 3.26 28.25 24.92
C THR B 6 2.48 27.10 25.56
N SER B 7 1.15 27.21 25.55
CA SER B 7 0.31 26.20 26.18
C SER B 7 -0.79 25.71 25.24
N LYS B 8 -1.28 24.50 25.50
CA LYS B 8 -2.33 23.90 24.68
C LYS B 8 -3.68 24.56 24.95
N GLY B 9 -4.03 24.67 26.22
CA GLY B 9 -5.29 25.30 26.61
C GLY B 9 -5.90 24.71 27.86
N ASP B 10 -5.76 23.40 28.03
CA ASP B 10 -6.33 22.72 29.19
C ASP B 10 -5.58 23.06 30.48
N GLU B 11 -6.14 22.64 31.60
CA GLU B 11 -5.58 22.93 32.91
C GLU B 11 -4.19 22.33 33.10
N LYS B 12 -3.98 21.14 32.54
CA LYS B 12 -2.71 20.45 32.65
C LYS B 12 -1.56 21.22 32.02
N SER B 13 -1.79 21.73 30.81
CA SER B 13 -0.77 22.48 30.09
C SER B 13 -0.53 23.86 30.72
N ASP B 14 -1.57 24.43 31.30
CA ASP B 14 -1.48 25.74 31.93
C ASP B 14 -0.78 25.66 33.29
N LEU B 15 -1.05 24.59 34.03
CA LEU B 15 -0.47 24.40 35.35
C LEU B 15 1.04 24.17 35.25
N LEU B 16 1.44 23.30 34.32
CA LEU B 16 2.84 22.98 34.12
C LEU B 16 3.60 24.20 33.58
N ARG B 17 2.90 25.00 32.79
CA ARG B 17 3.49 26.22 32.23
C ARG B 17 3.86 27.21 33.33
N LEU B 18 2.97 27.37 34.31
CA LEU B 18 3.20 28.28 35.42
C LEU B 18 4.32 27.76 36.32
N ASN B 19 4.46 26.43 36.38
CA ASN B 19 5.48 25.81 37.21
C ASN B 19 6.89 26.11 36.70
N MET B 20 7.06 26.06 35.38
CA MET B 20 8.36 26.29 34.78
C MET B 20 8.79 27.76 34.85
N ILE B 21 7.83 28.66 34.67
CA ILE B 21 8.09 30.09 34.78
C ILE B 21 8.59 30.43 36.18
N ALA B 22 8.02 29.75 37.17
CA ALA B 22 8.44 29.92 38.56
C ALA B 22 9.85 29.37 38.77
N GLY B 23 10.14 28.25 38.14
CA GLY B 23 11.44 27.60 38.26
C GLY B 23 12.55 28.44 37.66
N PHE B 24 12.24 29.12 36.55
CA PHE B 24 13.21 29.98 35.89
C PHE B 24 13.41 31.30 36.63
N GLY B 25 12.63 31.49 37.69
CA GLY B 25 12.72 32.69 38.50
C GLY B 25 13.97 32.72 39.35
N GLU B 26 14.59 31.56 39.53
CA GLU B 26 15.82 31.47 40.29
C GLU B 26 17.06 31.52 39.40
N TYR B 27 16.83 31.82 38.12
CA TYR B 27 17.92 31.91 37.14
C TYR B 27 17.79 33.15 36.28
N ASP B 28 18.91 33.59 35.72
CA ASP B 28 18.93 34.79 34.89
C ASP B 28 18.33 34.52 33.51
N MET B 29 17.01 34.42 33.44
CA MET B 29 16.32 34.19 32.18
C MET B 29 15.10 35.12 32.06
N GLU B 30 15.26 36.18 31.26
CA GLU B 30 14.21 37.18 31.09
C GLU B 30 13.05 36.63 30.27
N TYR B 31 11.89 36.51 30.92
CA TYR B 31 10.69 36.00 30.25
C TYR B 31 10.14 37.00 29.25
N ASP B 32 10.21 36.66 27.96
CA ASP B 32 9.76 37.56 26.91
C ASP B 32 9.01 36.81 25.82
N ASP B 33 7.84 37.34 25.42
CA ASP B 33 6.99 36.66 24.46
C ASP B 33 7.03 37.31 23.07
N VAL B 34 7.75 38.41 22.94
CA VAL B 34 7.82 39.12 21.66
C VAL B 34 9.18 38.93 20.98
N GLU B 35 10.19 38.61 21.77
CA GLU B 35 11.52 38.38 21.23
C GLU B 35 12.30 37.37 22.10
N PRO B 36 11.88 36.11 22.06
CA PRO B 36 12.55 35.08 22.86
C PRO B 36 13.68 34.39 22.10
N GLU B 37 14.52 33.64 22.83
CA GLU B 37 15.57 32.86 22.21
C GLU B 37 15.30 31.38 22.43
N ILE B 38 14.46 31.09 23.41
CA ILE B 38 14.10 29.71 23.75
C ILE B 38 12.59 29.57 23.87
N VAL B 39 11.95 28.99 22.85
CA VAL B 39 10.51 28.79 22.86
C VAL B 39 10.16 27.38 23.31
N ILE B 40 9.37 27.28 24.38
CA ILE B 40 8.95 26.00 24.93
C ILE B 40 7.48 25.74 24.64
N SER B 41 7.19 24.59 24.04
CA SER B 41 5.82 24.22 23.72
C SER B 41 5.31 23.11 24.63
N ILE B 42 4.15 23.33 25.24
CA ILE B 42 3.55 22.35 26.13
C ILE B 42 2.19 21.89 25.62
N GLY B 43 2.06 20.59 25.40
CA GLY B 43 0.82 20.02 24.90
C GLY B 43 1.05 18.86 23.95
N GLY B 44 1.01 19.14 22.65
CA GLY B 44 1.24 18.12 21.65
C GLY B 44 1.95 18.68 20.43
N ASP B 45 1.97 17.91 19.35
CA ASP B 45 2.60 18.35 18.11
C ASP B 45 1.83 19.52 17.50
N GLY B 46 0.51 19.50 17.65
CA GLY B 46 -0.32 20.58 17.16
C GLY B 46 0.00 21.89 17.85
N THR B 47 0.30 21.81 19.15
CA THR B 47 0.70 22.98 19.92
C THR B 47 2.07 23.47 19.44
N PHE B 48 2.92 22.52 19.05
CA PHE B 48 4.25 22.86 18.56
C PHE B 48 4.17 23.54 17.20
N LEU B 49 3.24 23.08 16.36
CA LEU B 49 3.03 23.66 15.04
C LEU B 49 2.57 25.12 15.16
N SER B 50 1.79 25.40 16.19
CA SER B 50 1.31 26.76 16.43
C SER B 50 2.45 27.67 16.88
N ALA B 51 3.31 27.15 17.75
CA ALA B 51 4.44 27.91 18.25
C ALA B 51 5.46 28.18 17.15
N PHE B 52 5.51 27.28 16.17
CA PHE B 52 6.41 27.43 15.04
C PHE B 52 5.99 28.58 14.14
N HIS B 53 4.72 28.61 13.79
CA HIS B 53 4.18 29.66 12.91
C HIS B 53 4.02 30.98 13.65
N GLN B 54 4.03 30.93 14.99
CA GLN B 54 3.93 32.13 15.80
C GLN B 54 5.26 32.89 15.81
N TYR B 55 6.35 32.16 15.58
CA TYR B 55 7.67 32.76 15.56
C TYR B 55 8.47 32.29 14.34
N GLU B 56 7.79 32.12 13.22
CA GLU B 56 8.44 31.67 11.99
C GLU B 56 9.24 32.79 11.34
N GLU B 57 9.08 34.01 11.85
CA GLU B 57 9.81 35.16 11.33
C GLU B 57 11.15 35.34 12.04
N ARG B 58 11.33 34.61 13.13
CA ARG B 58 12.57 34.67 13.90
C ARG B 58 13.12 33.28 14.21
N LEU B 59 13.16 32.42 13.19
CA LEU B 59 13.65 31.06 13.35
C LEU B 59 15.17 31.03 13.49
N ASP B 60 15.81 32.16 13.23
CA ASP B 60 17.27 32.25 13.25
C ASP B 60 17.82 32.30 14.67
N GLU B 61 17.09 32.96 15.56
CA GLU B 61 17.57 33.19 16.92
C GLU B 61 16.73 32.45 17.96
N ILE B 62 16.05 31.38 17.54
CA ILE B 62 15.17 30.64 18.43
C ILE B 62 15.43 29.14 18.41
N ALA B 63 15.67 28.57 19.58
CA ALA B 63 15.77 27.13 19.73
C ALA B 63 14.52 26.58 20.40
N PHE B 64 13.78 25.74 19.67
CA PHE B 64 12.51 25.22 20.15
C PHE B 64 12.67 24.01 21.06
N ILE B 65 11.79 23.90 22.06
CA ILE B 65 11.75 22.75 22.95
C ILE B 65 10.31 22.29 23.12
N GLY B 66 10.09 20.98 22.98
CA GLY B 66 8.75 20.44 23.05
C GLY B 66 8.48 19.60 24.28
N ILE B 67 7.29 19.77 24.85
CA ILE B 67 6.85 18.99 26.00
C ILE B 67 5.45 18.44 25.75
N HIS B 68 5.31 17.12 25.84
CA HIS B 68 4.02 16.48 25.58
C HIS B 68 3.28 16.18 26.87
N THR B 69 2.06 16.69 26.98
CA THR B 69 1.21 16.43 28.15
C THR B 69 0.54 15.07 28.01
N GLY B 70 0.07 14.77 26.80
CA GLY B 70 -0.57 13.50 26.54
C GLY B 70 0.43 12.45 26.09
N HIS B 71 0.21 11.91 24.90
CA HIS B 71 1.09 10.88 24.35
C HIS B 71 2.35 11.49 23.74
N LEU B 72 3.36 10.65 23.51
CA LEU B 72 4.65 11.10 22.98
C LEU B 72 4.50 11.64 21.56
N GLY B 73 5.06 12.82 21.34
CA GLY B 73 5.07 13.43 20.01
C GLY B 73 6.47 13.44 19.43
N PHE B 74 6.58 13.78 18.15
CA PHE B 74 7.86 13.80 17.48
C PHE B 74 8.60 15.12 17.71
N TYR B 75 7.84 16.16 18.03
CA TYR B 75 8.42 17.47 18.34
C TYR B 75 8.45 17.69 19.84
N ALA B 76 7.47 17.11 20.54
CA ALA B 76 7.42 17.16 21.98
C ALA B 76 7.96 15.86 22.56
N ASP B 77 9.25 15.85 22.89
CA ASP B 77 9.92 14.63 23.33
C ASP B 77 10.26 14.65 24.82
N TRP B 78 9.91 15.73 25.51
CA TRP B 78 10.15 15.84 26.94
C TRP B 78 8.90 15.52 27.75
N ARG B 79 9.07 14.73 28.81
CA ARG B 79 7.96 14.36 29.68
C ARG B 79 7.72 15.42 30.75
N PRO B 80 6.45 15.57 31.17
CA PRO B 80 6.08 16.53 32.22
C PRO B 80 6.82 16.28 33.54
N ALA B 81 7.17 15.02 33.80
CA ALA B 81 7.90 14.68 35.01
C ALA B 81 9.35 15.12 34.92
N GLU B 82 9.80 15.42 33.72
CA GLU B 82 11.18 15.84 33.49
C GLU B 82 11.27 17.37 33.38
N ALA B 83 10.23 18.06 33.84
CA ALA B 83 10.18 19.51 33.77
C ALA B 83 11.18 20.15 34.73
N ASP B 84 11.38 19.51 35.88
CA ASP B 84 12.32 20.00 36.88
C ASP B 84 13.75 19.98 36.35
N LYS B 85 14.10 18.91 35.66
CA LYS B 85 15.43 18.78 35.07
C LYS B 85 15.60 19.75 33.91
N LEU B 86 14.51 19.99 33.17
CA LEU B 86 14.53 20.89 32.04
C LEU B 86 14.89 22.31 32.44
N VAL B 87 14.34 22.77 33.56
CA VAL B 87 14.58 24.12 34.04
C VAL B 87 16.05 24.33 34.38
N LYS B 88 16.62 23.37 35.11
CA LYS B 88 18.01 23.46 35.54
C LYS B 88 18.98 23.34 34.37
N LEU B 89 18.64 22.51 33.39
CA LEU B 89 19.50 22.31 32.22
C LEU B 89 19.44 23.51 31.28
N LEU B 90 18.32 24.21 31.26
CA LEU B 90 18.13 25.37 30.40
C LEU B 90 18.80 26.63 30.97
N ALA B 91 19.04 26.62 32.27
CA ALA B 91 19.56 27.79 32.97
C ALA B 91 20.98 28.14 32.52
N LYS B 92 21.85 27.13 32.45
CA LYS B 92 23.24 27.34 32.10
C LYS B 92 23.41 27.80 30.66
N GLY B 93 22.45 27.44 29.82
CA GLY B 93 22.51 27.77 28.40
C GLY B 93 23.34 26.75 27.65
N GLU B 94 23.56 25.60 28.27
CA GLU B 94 24.35 24.53 27.64
C GLU B 94 23.44 23.53 26.92
N TYR B 95 23.54 23.53 25.59
CA TYR B 95 22.77 22.60 24.76
C TYR B 95 23.27 22.62 23.32
N GLN B 96 23.34 21.44 22.71
CA GLN B 96 23.66 21.35 21.29
C GLN B 96 22.42 21.71 20.48
N LYS B 97 22.62 22.37 19.34
CA LYS B 97 21.50 22.77 18.50
C LYS B 97 21.37 21.87 17.27
N VAL B 98 20.16 21.41 17.01
CA VAL B 98 19.88 20.54 15.88
C VAL B 98 18.90 21.21 14.92
N SER B 99 19.25 21.24 13.64
CA SER B 99 18.44 21.91 12.64
C SER B 99 17.73 20.94 11.70
N TYR B 100 16.42 21.13 11.56
CA TYR B 100 15.63 20.34 10.63
C TYR B 100 15.28 21.14 9.38
N PRO B 101 15.24 20.47 8.22
CA PRO B 101 14.87 21.12 6.96
C PRO B 101 13.41 21.58 6.95
N LEU B 102 13.09 22.56 6.12
CA LEU B 102 11.73 23.07 6.03
C LEU B 102 11.23 23.09 4.59
N LEU B 103 9.92 23.21 4.42
CA LEU B 103 9.32 23.25 3.10
C LEU B 103 8.83 24.65 2.75
N LYS B 104 9.25 25.14 1.59
CA LYS B 104 8.84 26.47 1.14
C LYS B 104 7.66 26.38 0.17
N THR B 105 6.50 26.80 0.64
CA THR B 105 5.29 26.77 -0.17
C THR B 105 5.01 28.13 -0.79
N THR B 106 5.13 28.21 -2.12
CA THR B 106 4.90 29.46 -2.83
C THR B 106 3.68 29.37 -3.74
N VAL B 107 2.72 30.25 -3.50
CA VAL B 107 1.49 30.27 -4.30
C VAL B 107 1.49 31.45 -5.26
N LYS B 108 1.27 31.17 -6.54
CA LYS B 108 1.24 32.21 -7.56
C LYS B 108 -0.16 32.36 -8.15
N TYR B 109 -0.66 33.59 -8.17
CA TYR B 109 -1.99 33.88 -8.69
C TYR B 109 -1.92 34.46 -10.10
N LYS B 114 2.01 39.86 -5.46
CA LYS B 114 0.91 38.97 -5.05
C LYS B 114 1.44 37.61 -4.61
N GLU B 115 2.71 37.35 -4.90
CA GLU B 115 3.33 36.07 -4.56
C GLU B 115 3.40 35.86 -3.05
N ALA B 116 2.74 34.80 -2.59
CA ALA B 116 2.72 34.47 -1.16
C ALA B 116 3.67 33.32 -0.85
N THR B 117 4.30 33.38 0.32
CA THR B 117 5.26 32.37 0.74
C THR B 117 4.92 31.82 2.13
N TYR B 118 4.88 30.49 2.24
CA TYR B 118 4.57 29.85 3.52
C TYR B 118 5.64 28.82 3.86
N LEU B 119 5.96 28.72 5.15
CA LEU B 119 6.95 27.76 5.62
C LEU B 119 6.27 26.60 6.33
N ALA B 120 6.44 25.40 5.79
CA ALA B 120 5.82 24.20 6.36
C ALA B 120 6.79 23.44 7.25
N LEU B 121 6.31 22.99 8.39
CA LEU B 121 7.11 22.18 9.30
C LEU B 121 6.85 20.70 9.08
N ASN B 122 5.59 20.34 8.84
CA ASN B 122 5.22 18.96 8.54
C ASN B 122 4.98 18.75 7.05
N GLU B 123 3.87 19.27 6.54
CA GLU B 123 3.52 19.11 5.14
C GLU B 123 2.68 20.26 4.61
N SER B 124 2.45 20.26 3.29
CA SER B 124 1.59 21.24 2.66
C SER B 124 0.72 20.56 1.61
N THR B 125 -0.55 20.34 1.95
CA THR B 125 -1.45 19.60 1.06
C THR B 125 -2.24 20.54 0.14
N VAL B 126 -2.61 20.02 -1.02
CA VAL B 126 -3.41 20.77 -1.98
C VAL B 126 -4.59 19.96 -2.47
N LYS B 127 -5.79 20.33 -2.01
CA LYS B 127 -7.02 19.68 -2.42
C LYS B 127 -7.86 20.62 -3.27
N SER B 128 -9.03 20.16 -3.69
CA SER B 128 -9.95 21.00 -4.45
C SER B 128 -10.96 21.63 -3.52
N SER B 129 -11.67 22.63 -4.02
CA SER B 129 -12.69 23.32 -3.22
C SER B 129 -14.07 22.69 -3.44
N GLY B 131 -15.09 20.39 -6.45
CA GLY B 131 -15.36 19.02 -6.84
C GLY B 131 -14.09 18.20 -7.01
N PRO B 132 -13.97 17.52 -8.15
CA PRO B 132 -12.80 16.69 -8.48
C PRO B 132 -11.50 17.49 -8.50
N PHE B 133 -10.42 16.90 -8.00
CA PHE B 133 -9.13 17.57 -7.97
C PHE B 133 -8.24 17.11 -9.11
N VAL B 134 -7.95 18.02 -10.04
CA VAL B 134 -7.13 17.68 -11.20
C VAL B 134 -6.05 18.74 -11.43
N VAL B 135 -4.79 18.33 -11.32
CA VAL B 135 -3.66 19.23 -11.55
C VAL B 135 -2.59 18.60 -12.43
N ASP B 136 -1.57 19.39 -12.75
CA ASP B 136 -0.43 18.91 -13.52
C ASP B 136 0.85 19.07 -12.71
N VAL B 137 1.53 17.96 -12.46
CA VAL B 137 2.76 17.98 -11.69
C VAL B 137 3.96 18.31 -12.55
N VAL B 138 4.66 19.39 -12.21
CA VAL B 138 5.83 19.83 -12.96
C VAL B 138 7.09 19.77 -12.11
N ILE B 139 8.09 19.04 -12.59
CA ILE B 139 9.35 18.89 -11.87
C ILE B 139 10.49 19.59 -12.60
N ASN B 140 10.96 20.70 -12.03
CA ASN B 140 12.04 21.49 -12.62
C ASN B 140 11.74 21.89 -14.06
N ASP B 141 10.62 22.59 -14.24
CA ASP B 141 10.21 23.12 -15.54
C ASP B 141 10.04 22.05 -16.61
N ILE B 142 9.49 20.90 -16.23
CA ILE B 142 9.16 19.86 -17.19
C ILE B 142 7.95 19.05 -16.72
N HIS B 143 7.21 18.50 -17.67
CA HIS B 143 5.99 17.74 -17.36
C HIS B 143 6.32 16.33 -16.88
N PHE B 144 5.77 15.97 -15.72
CA PHE B 144 5.98 14.63 -15.17
C PHE B 144 4.71 13.80 -15.25
N GLU B 145 3.62 14.34 -14.72
CA GLU B 145 2.34 13.64 -14.73
C GLU B 145 1.17 14.60 -14.58
N ARG B 146 -0.04 14.06 -14.65
CA ARG B 146 -1.25 14.83 -14.38
C ARG B 146 -2.11 14.12 -13.35
N PHE B 147 -2.19 14.70 -12.16
CA PHE B 147 -2.85 14.04 -11.04
C PHE B 147 -4.36 14.25 -11.02
N ARG B 148 -5.08 13.21 -10.61
CA ARG B 148 -6.51 13.29 -10.40
C ARG B 148 -6.92 12.41 -9.22
N GLY B 149 -7.57 13.01 -8.23
CA GLY B 149 -8.00 12.29 -7.04
C GLY B 149 -8.50 13.24 -5.97
N ASP B 150 -7.99 13.09 -4.75
CA ASP B 150 -8.38 13.96 -3.65
C ASP B 150 -7.40 15.12 -3.50
N GLY B 151 -6.11 14.84 -3.59
CA GLY B 151 -5.11 15.87 -3.47
C GLY B 151 -3.67 15.38 -3.50
N LEU B 152 -2.74 16.30 -3.26
CA LEU B 152 -1.32 15.96 -3.20
C LEU B 152 -0.73 16.45 -1.88
N CYS B 153 0.25 15.71 -1.37
CA CYS B 153 0.86 16.05 -0.09
C CYS B 153 2.38 16.12 -0.20
N MET B 154 2.92 17.32 0.00
CA MET B 154 4.37 17.51 0.04
C MET B 154 4.84 17.62 1.48
N SER B 155 5.65 16.66 1.91
CA SER B 155 6.02 16.56 3.32
C SER B 155 7.49 16.87 3.59
N THR B 156 7.75 17.34 4.82
CA THR B 156 9.12 17.56 5.29
C THR B 156 9.66 16.26 5.88
N PRO B 157 10.99 16.16 6.04
CA PRO B 157 11.58 14.97 6.66
C PRO B 157 10.99 14.64 8.03
N SER B 158 10.91 15.64 8.90
CA SER B 158 10.32 15.47 10.22
C SER B 158 8.81 15.30 10.13
N GLY B 159 8.24 15.71 8.99
CA GLY B 159 6.82 15.62 8.76
C GLY B 159 6.39 14.31 8.11
N THR B 160 7.37 13.47 7.77
CA THR B 160 7.08 12.17 7.16
C THR B 160 6.32 11.26 8.12
N THR B 161 6.51 11.49 9.42
CA THR B 161 5.86 10.69 10.45
C THR B 161 4.44 11.19 10.74
N ALA B 162 4.05 12.27 10.06
CA ALA B 162 2.74 12.87 10.27
C ALA B 162 1.71 12.36 9.25
N TYR B 163 1.11 13.28 8.52
CA TYR B 163 0.12 12.95 7.51
C TYR B 163 0.71 12.05 6.43
N ASN B 164 1.98 12.29 6.11
CA ASN B 164 2.70 11.52 5.11
C ASN B 164 2.68 10.03 5.38
N LYS B 165 2.83 9.66 6.65
CA LYS B 165 2.84 8.26 7.05
C LYS B 165 1.48 7.60 6.79
N SER B 166 0.42 8.30 7.19
CA SER B 166 -0.94 7.78 7.03
C SER B 166 -1.32 7.63 5.57
N LEU B 167 -0.66 8.40 4.70
CA LEU B 167 -0.96 8.36 3.28
C LEU B 167 -0.12 7.31 2.55
N GLY B 168 0.69 6.57 3.30
CA GLY B 168 1.49 5.50 2.74
C GLY B 168 2.87 5.96 2.30
N GLY B 169 3.27 7.15 2.75
CA GLY B 169 4.58 7.67 2.42
C GLY B 169 5.68 7.01 3.22
N ALA B 170 6.92 7.26 2.84
CA ALA B 170 8.08 6.68 3.52
C ALA B 170 8.53 7.56 4.67
N LEU B 171 9.05 6.93 5.72
CA LEU B 171 9.59 7.66 6.85
C LEU B 171 11.04 8.05 6.57
N MET B 172 11.32 9.35 6.67
CA MET B 172 12.65 9.86 6.30
C MET B 172 13.31 10.61 7.46
N HIS B 173 14.57 10.26 7.72
CA HIS B 173 15.31 10.88 8.81
C HIS B 173 15.57 12.36 8.54
N PRO B 174 15.34 13.20 9.55
CA PRO B 174 15.45 14.67 9.45
C PRO B 174 16.85 15.17 9.09
N SER B 175 17.87 14.33 9.21
CA SER B 175 19.22 14.73 8.82
C SER B 175 19.32 14.91 7.31
N ILE B 176 18.38 14.30 6.60
CA ILE B 176 18.33 14.38 5.14
C ILE B 176 17.57 15.63 4.69
N GLU B 177 18.24 16.49 3.95
CA GLU B 177 17.61 17.71 3.45
C GLU B 177 16.85 17.44 2.16
N ALA B 178 15.57 17.12 2.29
CA ALA B 178 14.75 16.78 1.13
C ALA B 178 13.26 17.00 1.40
N MET B 179 12.43 16.76 0.39
CA MET B 179 10.99 16.82 0.54
C MET B 179 10.34 15.63 -0.15
N GLN B 180 9.18 15.21 0.34
CA GLN B 180 8.52 14.02 -0.19
C GLN B 180 7.10 14.31 -0.68
N LEU B 181 6.82 13.88 -1.90
CA LEU B 181 5.49 14.05 -2.47
C LEU B 181 4.70 12.74 -2.49
N THR B 182 3.53 12.75 -1.85
CA THR B 182 2.69 11.56 -1.80
C THR B 182 1.31 11.83 -2.37
N GLU B 183 0.71 10.80 -2.95
CA GLU B 183 -0.61 10.91 -3.56
C GLU B 183 -1.71 10.72 -2.53
N MET B 184 -2.88 11.27 -2.81
CA MET B 184 -4.03 11.15 -1.93
C MET B 184 -5.25 10.65 -2.68
N ALA B 185 -5.53 9.36 -2.56
CA ALA B 185 -6.67 8.72 -3.23
C ALA B 185 -6.66 8.97 -4.74
N SER B 186 -5.56 8.62 -5.37
CA SER B 186 -5.41 8.78 -6.82
C SER B 186 -6.18 7.70 -7.58
N ILE B 187 -6.78 8.09 -8.70
CA ILE B 187 -7.45 7.13 -9.58
C ILE B 187 -6.59 6.88 -10.81
N ASN B 188 -5.97 5.71 -10.87
CA ASN B 188 -5.08 5.36 -11.97
C ASN B 188 -5.81 4.65 -13.10
N ASN B 189 -6.47 5.42 -13.96
CA ASN B 189 -7.15 4.86 -15.11
C ASN B 189 -6.35 5.06 -16.39
N ARG B 190 -6.96 4.75 -17.53
CA ARG B 190 -6.30 4.88 -18.81
C ARG B 190 -5.97 6.33 -19.15
N VAL B 191 -6.80 7.24 -18.67
CA VAL B 191 -6.64 8.66 -18.96
C VAL B 191 -5.64 9.32 -18.00
N TYR B 192 -5.86 9.15 -16.71
CA TYR B 192 -5.02 9.79 -15.70
C TYR B 192 -4.05 8.80 -15.08
N ARG B 193 -2.85 8.71 -15.66
CA ARG B 193 -1.83 7.80 -15.16
C ARG B 193 -0.84 8.51 -14.23
N THR B 194 -0.75 8.03 -13.01
CA THR B 194 0.16 8.62 -12.03
C THR B 194 1.22 7.61 -11.58
N ILE B 195 2.29 8.12 -10.98
CA ILE B 195 3.41 7.28 -10.58
C ILE B 195 3.04 6.35 -9.42
N GLY B 196 2.09 6.79 -8.59
CA GLY B 196 1.66 6.00 -7.46
C GLY B 196 2.63 6.07 -6.29
N SER B 197 3.90 5.81 -6.57
CA SER B 197 4.95 5.81 -5.55
C SER B 197 5.23 7.23 -5.05
N PRO B 198 5.53 7.35 -3.74
CA PRO B 198 5.97 8.63 -3.18
C PRO B 198 7.26 9.12 -3.84
N LEU B 199 7.38 10.43 -4.03
CA LEU B 199 8.55 10.99 -4.68
C LEU B 199 9.35 11.87 -3.72
N VAL B 200 10.64 11.58 -3.59
CA VAL B 200 11.51 12.33 -2.70
C VAL B 200 12.45 13.25 -3.48
N PHE B 201 12.30 14.55 -3.28
CA PHE B 201 13.10 15.54 -4.00
C PHE B 201 14.15 16.19 -3.12
N PRO B 202 15.38 16.32 -3.63
CA PRO B 202 16.47 16.98 -2.90
C PRO B 202 16.36 18.50 -2.98
N LYS B 203 17.39 19.20 -2.51
CA LYS B 203 17.41 20.66 -2.57
C LYS B 203 17.53 21.13 -4.02
N HIS B 204 17.20 22.40 -4.23
CA HIS B 204 17.27 23.04 -5.56
C HIS B 204 16.34 22.36 -6.57
N HIS B 205 15.38 21.59 -6.07
CA HIS B 205 14.39 20.94 -6.93
C HIS B 205 13.02 21.59 -6.72
N VAL B 206 12.39 21.99 -7.83
CA VAL B 206 11.11 22.68 -7.75
C VAL B 206 9.97 21.81 -8.28
N VAL B 207 8.99 21.56 -7.43
CA VAL B 207 7.77 20.85 -7.84
C VAL B 207 6.64 21.85 -8.03
N SER B 208 6.23 22.02 -9.28
CA SER B 208 5.21 23.01 -9.62
C SER B 208 3.86 22.37 -9.90
N LEU B 209 2.87 22.71 -9.09
CA LEU B 209 1.51 22.21 -9.29
C LEU B 209 0.68 23.23 -10.05
N GLN B 210 0.39 22.91 -11.31
CA GLN B 210 -0.34 23.82 -12.18
C GLN B 210 -1.75 23.31 -12.50
N PRO B 211 -2.76 24.18 -12.33
CA PRO B 211 -4.17 23.85 -12.55
C PRO B 211 -4.45 23.42 -13.99
N VAL B 212 -5.55 22.70 -14.20
CA VAL B 212 -5.93 22.23 -15.53
C VAL B 212 -7.14 22.99 -16.05
N ASN B 213 -8.19 23.06 -15.23
CA ASN B 213 -9.41 23.78 -15.59
C ASN B 213 -9.99 24.53 -14.40
N ASP B 214 -9.69 24.05 -13.20
CA ASP B 214 -10.18 24.67 -11.98
C ASP B 214 -9.05 25.43 -11.28
N LYS B 215 -9.32 26.68 -10.91
CA LYS B 215 -8.30 27.54 -10.33
C LYS B 215 -8.41 27.63 -8.81
N ASP B 216 -9.54 27.19 -8.27
CA ASP B 216 -9.76 27.24 -6.83
C ASP B 216 -9.29 25.95 -6.14
N PHE B 217 -8.29 26.07 -5.28
CA PHE B 217 -7.74 24.93 -4.58
C PHE B 217 -7.62 25.18 -3.08
N GLN B 218 -7.97 24.16 -2.29
CA GLN B 218 -7.86 24.24 -0.83
C GLN B 218 -6.43 23.97 -0.39
N ILE B 219 -5.61 25.02 -0.36
CA ILE B 219 -4.20 24.88 0.02
C ILE B 219 -4.03 24.91 1.53
N SER B 220 -3.42 23.87 2.08
CA SER B 220 -3.19 23.80 3.52
C SER B 220 -1.70 23.74 3.83
N VAL B 221 -1.31 24.36 4.93
CA VAL B 221 0.06 24.30 5.40
C VAL B 221 0.10 23.95 6.88
N ASP B 222 0.62 22.76 7.18
CA ASP B 222 0.66 22.24 8.55
C ASP B 222 -0.72 22.17 9.19
N HIS B 223 -0.95 23.02 10.17
N HIS B 223 -0.93 23.07 10.14
CA HIS B 223 -2.22 23.01 10.90
CA HIS B 223 -2.14 23.09 10.95
C HIS B 223 -3.14 24.13 10.42
C HIS B 223 -3.13 24.13 10.43
N LEU B 224 -2.82 24.71 9.28
CA LEU B 224 -3.61 25.80 8.72
C LEU B 224 -4.14 25.47 7.33
N SER B 225 -5.46 25.46 7.18
CA SER B 225 -6.09 25.14 5.90
C SER B 225 -7.10 26.20 5.46
N ILE B 226 -6.76 26.96 4.43
CA ILE B 226 -7.66 27.95 3.87
C ILE B 226 -7.82 27.76 2.36
N LEU B 227 -8.72 28.52 1.77
CA LEU B 227 -8.99 28.42 0.33
C LEU B 227 -8.37 29.56 -0.45
N HIS B 228 -7.53 29.21 -1.42
CA HIS B 228 -6.91 30.20 -2.30
C HIS B 228 -7.71 30.33 -3.59
N ARG B 229 -7.72 31.54 -4.15
CA ARG B 229 -8.52 31.83 -5.33
C ARG B 229 -7.67 32.28 -6.51
N ASP B 230 -8.07 31.87 -7.72
CA ASP B 230 -7.39 32.23 -8.95
C ASP B 230 -5.91 31.86 -8.91
N VAL B 231 -5.62 30.61 -8.56
CA VAL B 231 -4.26 30.12 -8.47
C VAL B 231 -3.74 29.71 -9.84
N GLN B 232 -2.52 30.14 -10.17
CA GLN B 232 -1.92 29.80 -11.45
C GLN B 232 -0.79 28.78 -11.31
N GLU B 233 -0.13 28.79 -10.15
CA GLU B 233 1.00 27.90 -9.91
C GLU B 233 1.30 27.71 -8.43
N ILE B 234 1.54 26.46 -8.04
CA ILE B 234 1.93 26.15 -6.67
C ILE B 234 3.32 25.51 -6.65
N ARG B 235 4.30 26.27 -6.17
CA ARG B 235 5.68 25.81 -6.16
C ARG B 235 6.07 25.14 -4.84
N TYR B 236 6.97 24.18 -4.92
CA TYR B 236 7.50 23.50 -3.74
C TYR B 236 9.00 23.33 -3.83
N GLU B 237 9.71 23.69 -2.75
CA GLU B 237 11.15 23.51 -2.69
C GLU B 237 11.63 23.50 -1.24
N VAL B 238 12.77 22.84 -1.01
CA VAL B 238 13.35 22.78 0.32
C VAL B 238 13.85 24.17 0.73
N SER B 239 13.18 24.78 1.70
CA SER B 239 13.50 26.13 2.14
C SER B 239 14.88 26.22 2.76
N ALA B 240 15.53 27.37 2.57
CA ALA B 240 16.83 27.63 3.16
C ALA B 240 16.69 27.83 4.68
N LYS B 241 15.48 28.20 5.10
CA LYS B 241 15.17 28.36 6.51
C LYS B 241 15.12 27.00 7.19
N LYS B 242 15.68 26.92 8.40
CA LYS B 242 15.67 25.68 9.16
C LYS B 242 15.27 25.95 10.61
N ILE B 243 14.49 25.02 11.19
CA ILE B 243 14.07 25.15 12.58
C ILE B 243 15.12 24.52 13.51
N HIS B 244 15.46 25.23 14.58
CA HIS B 244 16.49 24.78 15.49
C HIS B 244 15.90 24.20 16.78
N PHE B 245 16.46 23.08 17.23
CA PHE B 245 16.01 22.44 18.46
C PHE B 245 17.12 22.48 19.51
N ALA B 246 16.73 22.36 20.77
CA ALA B 246 17.69 22.32 21.87
C ALA B 246 17.71 20.95 22.53
N ARG B 247 18.82 20.24 22.38
CA ARG B 247 18.93 18.89 22.94
C ARG B 247 19.83 18.86 24.17
N PHE B 248 19.37 18.15 25.19
CA PHE B 248 20.14 17.97 26.42
C PHE B 248 20.37 16.48 26.65
N ARG B 249 19.72 15.67 25.81
CA ARG B 249 19.69 14.23 26.00
C ARG B 249 19.49 13.53 24.65
N SER B 250 20.22 12.43 24.44
CA SER B 250 20.11 11.68 23.20
C SER B 250 18.76 10.98 23.08
N PHE B 251 17.94 11.45 22.15
CA PHE B 251 16.66 10.81 21.86
C PHE B 251 16.52 10.64 20.35
N PRO B 252 17.07 9.54 19.82
CA PRO B 252 17.13 9.24 18.39
C PRO B 252 15.77 9.32 17.69
N PHE B 253 15.77 9.81 16.45
CA PHE B 253 14.55 9.96 15.67
C PHE B 253 13.82 8.63 15.49
N TRP B 254 14.59 7.57 15.30
CA TRP B 254 14.02 6.24 15.08
C TRP B 254 13.40 5.69 16.35
N ARG B 255 13.89 6.13 17.51
CA ARG B 255 13.29 5.77 18.78
C ARG B 255 11.90 6.38 18.88
N ARG B 256 11.78 7.64 18.50
CA ARG B 256 10.49 8.33 18.51
C ARG B 256 9.50 7.64 17.56
N VAL B 257 10.01 7.15 16.44
CA VAL B 257 9.20 6.39 15.50
C VAL B 257 8.77 5.07 16.13
N HIS B 258 9.70 4.40 16.80
CA HIS B 258 9.43 3.13 17.46
C HIS B 258 8.41 3.28 18.58
N ASP B 259 8.60 4.31 19.42
CA ASP B 259 7.73 4.52 20.56
C ASP B 259 6.34 4.99 20.17
N SER B 260 6.19 5.42 18.92
CA SER B 260 4.91 5.94 18.44
C SER B 260 4.08 4.89 17.72
N PHE B 261 4.70 4.18 16.78
CA PHE B 261 3.95 3.26 15.92
C PHE B 261 4.13 1.80 16.31
N ILE B 262 5.31 1.44 16.82
CA ILE B 262 5.58 0.05 17.18
C ILE B 262 5.03 -0.26 18.58
N GLU B 263 5.79 0.10 19.61
CA GLU B 263 5.38 -0.16 20.98
C GLU B 263 6.13 0.72 21.98
N ASP B 264 5.55 0.86 23.18
CA ASP B 264 6.19 1.60 24.26
C ASP B 264 6.05 0.79 25.55
N LEU B 265 6.99 -0.11 25.78
CA LEU B 265 6.89 -1.08 26.87
C LEU B 265 7.04 -0.45 28.26
N GLU B 266 7.80 0.64 28.34
CA GLU B 266 8.03 1.31 29.63
C GLU B 266 7.01 2.40 29.88
N HIS B 267 5.93 2.40 29.10
CA HIS B 267 4.85 3.37 29.29
C HIS B 267 3.49 2.74 28.99
N MET C 1 -16.73 -42.52 17.93
CA MET C 1 -16.43 -42.67 16.51
C MET C 1 -14.92 -42.66 16.27
N LYS C 2 -14.53 -42.81 15.01
CA LYS C 2 -13.11 -42.88 14.66
C LYS C 2 -12.49 -41.48 14.60
N TYR C 3 -11.25 -41.38 15.09
CA TYR C 3 -10.54 -40.10 15.12
C TYR C 3 -9.03 -40.30 15.07
N MET C 4 -8.30 -39.20 14.92
CA MET C 4 -6.85 -39.22 14.92
C MET C 4 -6.29 -37.84 15.27
N ILE C 5 -5.06 -37.80 15.76
CA ILE C 5 -4.43 -36.54 16.16
C ILE C 5 -3.05 -36.36 15.53
N THR C 6 -2.85 -35.21 14.90
CA THR C 6 -1.54 -34.87 14.33
C THR C 6 -0.78 -33.94 15.27
N SER C 7 0.54 -34.00 15.21
CA SER C 7 1.39 -33.18 16.07
C SER C 7 2.34 -32.30 15.27
N LYS C 8 2.74 -31.18 15.87
CA LYS C 8 3.67 -30.26 15.22
C LYS C 8 5.09 -30.83 15.22
N GLY C 9 5.52 -31.35 16.36
CA GLY C 9 6.85 -31.93 16.47
C GLY C 9 7.49 -31.67 17.82
N ASP C 10 7.24 -30.49 18.38
CA ASP C 10 7.80 -30.12 19.67
C ASP C 10 7.17 -30.93 20.80
N GLU C 11 7.79 -30.86 21.97
CA GLU C 11 7.32 -31.63 23.13
C GLU C 11 5.94 -31.17 23.60
N LYS C 12 5.63 -29.89 23.37
CA LYS C 12 4.37 -29.31 23.82
C LYS C 12 3.17 -29.93 23.08
N SER C 13 3.37 -30.32 21.83
CA SER C 13 2.29 -30.86 21.02
C SER C 13 2.12 -32.37 21.24
N ASP C 14 3.23 -33.09 21.28
CA ASP C 14 3.19 -34.54 21.46
C ASP C 14 2.65 -34.94 22.82
N LEU C 15 3.04 -34.18 23.85
CA LEU C 15 2.58 -34.45 25.21
C LEU C 15 1.09 -34.20 25.33
N LEU C 16 0.62 -33.09 24.76
CA LEU C 16 -0.80 -32.76 24.77
C LEU C 16 -1.60 -33.77 23.95
N ARG C 17 -0.97 -34.30 22.90
CA ARG C 17 -1.59 -35.29 22.04
C ARG C 17 -1.88 -36.58 22.80
N LEU C 18 -0.88 -37.09 23.50
CA LEU C 18 -1.01 -38.34 24.26
C LEU C 18 -2.02 -38.20 25.39
N ASN C 19 -2.14 -36.99 25.93
CA ASN C 19 -3.08 -36.73 27.02
C ASN C 19 -4.53 -36.74 26.55
N MET C 20 -4.75 -36.34 25.30
CA MET C 20 -6.10 -36.29 24.74
C MET C 20 -6.58 -37.67 24.31
N ILE C 21 -5.69 -38.47 23.73
CA ILE C 21 -6.03 -39.82 23.29
C ILE C 21 -6.49 -40.68 24.46
N ALA C 22 -5.84 -40.49 25.60
CA ALA C 22 -6.19 -41.24 26.81
C ALA C 22 -7.56 -40.82 27.34
N GLY C 23 -7.99 -39.61 26.97
CA GLY C 23 -9.28 -39.10 27.39
C GLY C 23 -10.43 -39.81 26.70
N PHE C 24 -10.18 -40.32 25.50
CA PHE C 24 -11.19 -41.03 24.73
C PHE C 24 -11.17 -42.53 25.04
N GLY C 25 -10.48 -42.90 26.11
CA GLY C 25 -10.37 -44.29 26.51
C GLY C 25 -11.56 -44.73 27.34
N TYR C 27 -14.19 -43.16 26.29
CA TYR C 27 -15.51 -43.20 25.67
C TYR C 27 -15.56 -44.23 24.55
N ASP C 28 -16.54 -44.09 23.67
CA ASP C 28 -16.69 -44.99 22.54
C ASP C 28 -15.96 -44.45 21.31
N MET C 29 -14.73 -43.99 21.52
CA MET C 29 -13.93 -43.43 20.44
C MET C 29 -12.75 -44.32 20.10
N GLU C 30 -12.61 -44.66 18.82
CA GLU C 30 -11.52 -45.52 18.36
C GLU C 30 -10.52 -44.70 17.55
N TYR C 31 -9.23 -44.95 17.78
CA TYR C 31 -8.18 -44.24 17.07
C TYR C 31 -7.95 -44.85 15.69
N ASP C 32 -8.35 -44.12 14.64
CA ASP C 32 -8.18 -44.57 13.28
C ASP C 32 -7.69 -43.43 12.39
N ASP C 33 -6.47 -43.55 11.89
CA ASP C 33 -5.90 -42.52 11.03
C ASP C 33 -6.05 -42.87 9.56
N VAL C 34 -6.78 -43.93 9.28
CA VAL C 34 -7.04 -44.34 7.89
C VAL C 34 -8.38 -43.80 7.42
N GLU C 35 -9.44 -44.09 8.18
CA GLU C 35 -10.77 -43.57 7.88
C GLU C 35 -11.38 -42.88 9.09
N PRO C 36 -10.88 -41.69 9.44
CA PRO C 36 -11.37 -40.96 10.61
C PRO C 36 -12.61 -40.13 10.30
N GLU C 37 -13.37 -39.80 11.33
CA GLU C 37 -14.53 -38.92 11.18
C GLU C 37 -14.20 -37.55 11.77
N ILE C 38 -13.18 -37.53 12.64
CA ILE C 38 -12.77 -36.31 13.32
C ILE C 38 -11.24 -36.22 13.38
N VAL C 39 -10.69 -35.14 12.83
CA VAL C 39 -9.25 -34.94 12.83
C VAL C 39 -8.85 -33.73 13.67
N ILE C 40 -7.99 -33.96 14.66
CA ILE C 40 -7.52 -32.91 15.55
C ILE C 40 -6.06 -32.56 15.28
N SER C 41 -5.81 -31.29 15.00
CA SER C 41 -4.46 -30.81 14.75
C SER C 41 -3.91 -30.03 15.94
N ILE C 42 -2.69 -30.33 16.33
CA ILE C 42 -2.07 -29.68 17.48
C ILE C 42 -0.73 -29.04 17.12
N GLY C 43 -0.65 -27.72 17.25
CA GLY C 43 0.56 -26.99 16.94
C GLY C 43 0.29 -25.58 16.45
N GLY C 44 0.11 -25.44 15.15
CA GLY C 44 -0.19 -24.14 14.54
C GLY C 44 -0.98 -24.30 13.27
N ASP C 45 -1.12 -23.20 12.51
CA ASP C 45 -1.83 -23.23 11.25
C ASP C 45 -1.08 -24.09 10.22
N GLY C 46 0.25 -24.07 10.29
CA GLY C 46 1.07 -24.87 9.40
C GLY C 46 0.85 -26.35 9.64
N THR C 47 0.68 -26.73 10.90
CA THR C 47 0.39 -28.11 11.26
C THR C 47 -0.99 -28.50 10.78
N PHE C 48 -1.92 -27.56 10.85
CA PHE C 48 -3.29 -27.80 10.41
C PHE C 48 -3.37 -28.00 8.90
N LEU C 49 -2.57 -27.23 8.17
CA LEU C 49 -2.52 -27.33 6.71
C LEU C 49 -2.08 -28.72 6.27
N SER C 50 -1.10 -29.27 6.97
CA SER C 50 -0.61 -30.62 6.67
C SER C 50 -1.69 -31.67 6.94
N ALA C 51 -2.44 -31.47 8.01
CA ALA C 51 -3.52 -32.38 8.37
C ALA C 51 -4.64 -32.33 7.34
N PHE C 52 -4.83 -31.17 6.74
CA PHE C 52 -5.84 -30.97 5.71
C PHE C 52 -5.49 -31.76 4.45
N HIS C 53 -4.27 -31.55 3.95
CA HIS C 53 -3.83 -32.21 2.72
C HIS C 53 -3.62 -33.70 2.92
N GLN C 54 -3.41 -34.12 4.17
CA GLN C 54 -3.25 -35.53 4.49
C GLN C 54 -4.58 -36.26 4.31
N TYR C 55 -5.67 -35.56 4.58
CA TYR C 55 -7.00 -36.14 4.46
C TYR C 55 -7.89 -35.35 3.50
N GLU C 56 -7.32 -34.95 2.37
CA GLU C 56 -8.09 -34.23 1.35
C GLU C 56 -8.87 -35.21 0.48
N GLU C 57 -8.67 -36.50 0.74
CA GLU C 57 -9.37 -37.55 0.00
C GLU C 57 -10.81 -37.66 0.46
N ARG C 58 -11.04 -37.46 1.76
CA ARG C 58 -12.37 -37.55 2.33
C ARG C 58 -12.70 -36.33 3.18
N LEU C 59 -12.73 -35.16 2.53
CA LEU C 59 -13.04 -33.91 3.23
C LEU C 59 -14.51 -33.85 3.65
N ASP C 60 -15.36 -34.55 2.91
CA ASP C 60 -16.80 -34.49 3.13
C ASP C 60 -17.23 -35.27 4.37
N GLU C 61 -16.38 -36.20 4.80
CA GLU C 61 -16.69 -37.04 5.95
C GLU C 61 -15.72 -36.84 7.11
N ILE C 62 -15.11 -35.66 7.16
CA ILE C 62 -14.14 -35.35 8.21
C ILE C 62 -14.32 -33.95 8.78
N ALA C 63 -14.47 -33.87 10.10
CA ALA C 63 -14.54 -32.58 10.79
C ALA C 63 -13.22 -32.26 11.45
N PHE C 64 -12.67 -31.09 11.16
CA PHE C 64 -11.35 -30.70 11.66
C PHE C 64 -11.43 -29.83 12.92
N ILE C 65 -10.47 -30.04 13.82
CA ILE C 65 -10.36 -29.23 15.03
C ILE C 65 -8.92 -28.76 15.20
N GLY C 66 -8.73 -27.46 15.38
CA GLY C 66 -7.40 -26.89 15.51
C GLY C 66 -7.04 -26.48 16.92
N ILE C 67 -5.86 -26.90 17.37
CA ILE C 67 -5.35 -26.54 18.69
C ILE C 67 -3.94 -25.96 18.57
N HIS C 68 -3.74 -24.77 19.13
CA HIS C 68 -2.45 -24.10 19.02
C HIS C 68 -1.66 -24.16 20.33
N THR C 69 -0.47 -24.75 20.28
CA THR C 69 0.39 -24.83 21.46
C THR C 69 1.16 -23.53 21.65
N GLY C 70 1.35 -22.79 20.56
CA GLY C 70 2.04 -21.51 20.62
C GLY C 70 1.06 -20.35 20.60
N HIS C 71 1.24 -19.46 19.63
CA HIS C 71 0.37 -18.30 19.49
C HIS C 71 -0.94 -18.68 18.81
N LEU C 72 -1.95 -17.82 18.94
CA LEU C 72 -3.26 -18.08 18.37
C LEU C 72 -3.21 -18.14 16.84
N GLY C 73 -3.89 -19.14 16.28
CA GLY C 73 -3.98 -19.29 14.84
C GLY C 73 -5.40 -19.11 14.37
N PHE C 74 -5.60 -19.08 13.05
CA PHE C 74 -6.94 -18.91 12.49
C PHE C 74 -7.62 -20.24 12.27
N TYR C 75 -6.83 -21.30 12.11
CA TYR C 75 -7.36 -22.65 12.03
C TYR C 75 -7.19 -23.34 13.38
N ALA C 76 -6.04 -23.13 14.00
CA ALA C 76 -5.80 -23.61 15.35
C ALA C 76 -6.42 -22.64 16.36
N ASP C 77 -7.70 -22.85 16.65
CA ASP C 77 -8.46 -21.90 17.45
C ASP C 77 -8.27 -22.07 18.96
N TRP C 78 -8.32 -23.30 19.44
CA TRP C 78 -8.42 -23.54 20.88
C TRP C 78 -7.08 -23.67 21.58
N ARG C 79 -7.01 -23.09 22.78
CA ARG C 79 -5.84 -23.14 23.63
C ARG C 79 -5.83 -24.42 24.45
N PRO C 80 -4.66 -25.05 24.63
CA PRO C 80 -4.47 -26.32 25.34
C PRO C 80 -5.12 -26.38 26.72
N ALA C 81 -5.41 -25.22 27.32
CA ALA C 81 -6.06 -25.18 28.61
C ALA C 81 -7.51 -25.66 28.52
N GLU C 82 -8.06 -25.62 27.31
CA GLU C 82 -9.45 -26.04 27.09
C GLU C 82 -9.53 -27.41 26.42
N ALA C 83 -8.38 -28.06 26.28
CA ALA C 83 -8.29 -29.35 25.59
C ALA C 83 -9.16 -30.43 26.25
N ASP C 84 -9.28 -30.39 27.56
CA ASP C 84 -10.05 -31.37 28.31
C ASP C 84 -11.54 -31.26 28.02
N LYS C 85 -12.03 -30.02 27.98
CA LYS C 85 -13.44 -29.76 27.71
C LYS C 85 -13.83 -30.18 26.29
N LEU C 86 -12.85 -30.18 25.40
CA LEU C 86 -13.09 -30.59 24.01
C LEU C 86 -13.29 -32.09 23.92
N VAL C 87 -12.61 -32.83 24.78
CA VAL C 87 -12.70 -34.29 24.78
C VAL C 87 -14.09 -34.77 25.11
N LYS C 88 -14.64 -34.25 26.21
CA LYS C 88 -15.97 -34.64 26.66
C LYS C 88 -17.04 -34.20 25.66
N LEU C 89 -16.83 -33.04 25.06
CA LEU C 89 -17.79 -32.50 24.08
C LEU C 89 -17.72 -33.25 22.76
N LEU C 90 -16.55 -33.82 22.46
CA LEU C 90 -16.36 -34.53 21.21
C LEU C 90 -16.99 -35.93 21.28
N ALA C 91 -16.91 -36.55 22.45
CA ALA C 91 -17.46 -37.89 22.65
C ALA C 91 -18.98 -37.85 22.75
N GLY C 93 -21.44 -36.44 21.09
CA GLY C 93 -21.14 -35.60 19.94
C GLY C 93 -22.04 -34.38 19.87
N GLU C 94 -21.80 -33.45 20.79
CA GLU C 94 -22.61 -32.22 20.85
C GLU C 94 -21.88 -31.05 20.20
N TYR C 95 -22.01 -30.94 18.89
CA TYR C 95 -21.37 -29.86 18.15
C TYR C 95 -21.99 -29.67 16.77
N GLN C 96 -21.81 -28.47 16.20
CA GLN C 96 -22.31 -28.16 14.87
C GLN C 96 -21.20 -28.31 13.84
N LYS C 97 -21.50 -27.93 12.60
CA LYS C 97 -20.53 -28.05 11.52
C LYS C 97 -20.48 -26.79 10.67
N VAL C 98 -19.30 -26.19 10.56
CA VAL C 98 -19.10 -25.00 9.73
C VAL C 98 -18.20 -25.32 8.55
N SER C 99 -18.60 -24.86 7.36
CA SER C 99 -17.85 -25.16 6.14
C SER C 99 -17.21 -23.92 5.54
N TYR C 100 -15.94 -24.05 5.14
CA TYR C 100 -15.22 -22.98 4.46
C TYR C 100 -14.96 -23.36 3.00
N PRO C 101 -14.99 -22.37 2.09
CA PRO C 101 -14.72 -22.60 0.68
C PRO C 101 -13.25 -22.99 0.43
N LEU C 102 -13.00 -23.66 -0.69
CA LEU C 102 -11.65 -24.07 -1.04
C LEU C 102 -11.26 -23.55 -2.43
N LEU C 103 -9.97 -23.60 -2.74
CA LEU C 103 -9.48 -23.16 -4.03
C LEU C 103 -9.00 -24.31 -4.89
N LYS C 104 -9.59 -24.44 -6.08
CA LYS C 104 -9.18 -25.46 -7.03
C LYS C 104 -8.13 -24.90 -8.00
N THR C 105 -7.00 -25.58 -8.09
CA THR C 105 -5.92 -25.16 -8.98
C THR C 105 -5.68 -26.21 -10.06
N THR C 106 -5.77 -25.78 -11.32
CA THR C 106 -5.55 -26.68 -12.45
C THR C 106 -4.32 -26.27 -13.25
N VAL C 107 -3.40 -27.20 -13.44
CA VAL C 107 -2.19 -26.94 -14.20
C VAL C 107 -2.13 -27.79 -15.47
N LYS C 108 -2.12 -27.14 -16.62
CA LYS C 108 -2.05 -27.83 -17.90
C LYS C 108 -0.64 -27.78 -18.48
N TYR C 109 -0.29 -28.80 -19.26
CA TYR C 109 1.03 -28.90 -19.83
C TYR C 109 0.98 -29.05 -21.35
N GLY C 110 2.15 -29.04 -21.98
CA GLY C 110 2.24 -29.19 -23.43
C GLY C 110 2.99 -30.45 -23.83
N LYS C 113 1.22 -36.13 -21.03
CA LYS C 113 1.23 -34.78 -20.50
C LYS C 113 0.19 -34.61 -19.39
N LYS C 114 -1.08 -34.75 -19.77
CA LYS C 114 -2.21 -34.64 -18.84
C LYS C 114 -2.24 -33.30 -18.10
N GLU C 115 -3.05 -33.24 -17.05
CA GLU C 115 -3.14 -32.04 -16.23
C GLU C 115 -3.17 -32.39 -14.75
N ALA C 116 -2.81 -31.43 -13.91
CA ALA C 116 -2.76 -31.66 -12.46
C ALA C 116 -3.74 -30.75 -11.73
N THR C 117 -4.47 -31.31 -10.78
CA THR C 117 -5.43 -30.56 -9.99
C THR C 117 -5.06 -30.58 -8.51
N TYR C 118 -5.18 -29.43 -7.84
CA TYR C 118 -4.85 -29.33 -6.43
C TYR C 118 -5.91 -28.54 -5.67
N LEU C 119 -6.03 -28.82 -4.37
CA LEU C 119 -6.94 -28.09 -3.50
C LEU C 119 -6.15 -27.28 -2.47
N ALA C 120 -6.52 -26.03 -2.29
CA ALA C 120 -5.84 -25.16 -1.34
C ALA C 120 -6.79 -24.69 -0.25
N LEU C 121 -6.31 -24.69 0.99
CA LEU C 121 -7.09 -24.20 2.12
C LEU C 121 -6.80 -22.72 2.35
N ASN C 122 -5.53 -22.35 2.20
CA ASN C 122 -5.12 -20.96 2.33
C ASN C 122 -5.07 -20.25 0.98
N GLU C 123 -4.07 -20.61 0.17
CA GLU C 123 -3.88 -19.96 -1.12
C GLU C 123 -3.03 -20.80 -2.07
N SER C 124 -2.97 -20.35 -3.32
CA SER C 124 -2.08 -20.94 -4.31
C SER C 124 -1.33 -19.82 -5.03
N THR C 125 0.00 -19.93 -5.08
CA THR C 125 0.82 -18.89 -5.68
C THR C 125 1.65 -19.43 -6.84
N VAL C 126 1.96 -18.55 -7.79
CA VAL C 126 2.78 -18.92 -8.94
C VAL C 126 3.91 -17.92 -9.14
N LYS C 127 5.15 -18.39 -9.04
CA LYS C 127 6.31 -17.53 -9.22
C LYS C 127 7.21 -18.07 -10.32
N SER C 128 8.30 -17.37 -10.58
CA SER C 128 9.23 -17.77 -11.64
C SER C 128 10.14 -18.91 -11.18
N SER C 129 10.97 -19.40 -12.10
CA SER C 129 11.91 -20.47 -11.79
C SER C 129 13.34 -19.93 -11.67
N GLY C 130 13.45 -18.61 -11.66
CA GLY C 130 14.74 -17.95 -11.57
C GLY C 130 14.71 -16.51 -12.04
N GLY C 131 14.38 -16.33 -13.32
CA GLY C 131 14.34 -15.01 -13.92
C GLY C 131 13.07 -14.24 -13.59
N PRO C 132 12.71 -13.28 -14.45
CA PRO C 132 11.49 -12.48 -14.25
C PRO C 132 10.21 -13.27 -14.49
N PHE C 133 9.19 -13.01 -13.67
CA PHE C 133 7.91 -13.70 -13.80
C PHE C 133 6.95 -12.92 -14.69
N VAL C 134 6.69 -13.44 -15.88
CA VAL C 134 5.82 -12.77 -16.83
C VAL C 134 4.72 -13.69 -17.34
N VAL C 135 3.46 -13.37 -17.01
CA VAL C 135 2.32 -14.16 -17.47
C VAL C 135 1.18 -13.26 -17.93
N ASP C 136 0.26 -13.85 -18.69
CA ASP C 136 -0.96 -13.16 -19.09
C ASP C 136 -2.12 -13.58 -18.20
N VAL C 137 -2.77 -12.61 -17.58
CA VAL C 137 -3.93 -12.90 -16.74
C VAL C 137 -5.21 -12.92 -17.57
N VAL C 138 -5.81 -14.09 -17.69
CA VAL C 138 -7.02 -14.25 -18.49
C VAL C 138 -8.23 -14.56 -17.62
N ILE C 139 -9.24 -13.72 -17.70
CA ILE C 139 -10.46 -13.90 -16.92
C ILE C 139 -11.63 -14.31 -17.82
N ASN C 140 -12.11 -15.53 -17.62
CA ASN C 140 -13.21 -16.09 -18.41
C ASN C 140 -12.95 -16.02 -19.91
N ASP C 141 -11.82 -16.59 -20.32
CA ASP C 141 -11.39 -16.63 -21.72
C ASP C 141 -11.24 -15.24 -22.33
N ILE C 142 -11.06 -14.24 -21.47
CA ILE C 142 -10.84 -12.86 -21.91
C ILE C 142 -9.60 -12.28 -21.25
N HIS C 143 -8.67 -11.77 -22.06
CA HIS C 143 -7.43 -11.20 -21.56
C HIS C 143 -7.69 -9.99 -20.68
N PHE C 144 -6.98 -9.90 -19.56
CA PHE C 144 -7.16 -8.81 -18.62
C PHE C 144 -5.91 -7.94 -18.50
N GLU C 145 -4.76 -8.58 -18.32
CA GLU C 145 -3.50 -7.86 -18.16
C GLU C 145 -2.29 -8.75 -18.40
N ARG C 146 -1.14 -8.13 -18.65
CA ARG C 146 0.11 -8.86 -18.75
C ARG C 146 1.00 -8.52 -17.56
N PHE C 147 1.07 -9.45 -16.61
CA PHE C 147 1.76 -9.22 -15.34
C PHE C 147 3.26 -9.44 -15.44
N ARG C 148 4.03 -8.60 -14.75
CA ARG C 148 5.47 -8.80 -14.61
C ARG C 148 5.93 -8.41 -13.21
N GLY C 149 6.54 -9.35 -12.51
CA GLY C 149 7.02 -9.11 -11.16
C GLY C 149 7.54 -10.37 -10.50
N ASP C 150 7.13 -10.59 -9.26
CA ASP C 150 7.56 -11.77 -8.51
C ASP C 150 6.58 -12.92 -8.68
N GLY C 151 5.29 -12.63 -8.60
CA GLY C 151 4.28 -13.66 -8.78
C GLY C 151 2.85 -13.19 -8.54
N LEU C 152 1.93 -14.16 -8.47
CA LEU C 152 0.53 -13.88 -8.21
C LEU C 152 0.00 -14.83 -7.15
N CYS C 153 -0.89 -14.31 -6.29
CA CYS C 153 -1.46 -15.11 -5.21
C CYS C 153 -2.98 -15.20 -5.32
N MET C 154 -3.49 -16.42 -5.47
CA MET C 154 -4.92 -16.65 -5.42
C MET C 154 -5.29 -17.24 -4.07
N SER C 155 -6.11 -16.53 -3.31
CA SER C 155 -6.37 -16.90 -1.93
C SER C 155 -7.82 -17.29 -1.65
N THR C 156 -7.98 -18.26 -0.75
CA THR C 156 -9.30 -18.64 -0.23
C THR C 156 -9.78 -17.55 0.71
N PRO C 157 -11.10 -17.53 1.01
CA PRO C 157 -11.61 -16.56 1.99
C PRO C 157 -10.94 -16.69 3.35
N SER C 158 -10.76 -17.92 3.81
CA SER C 158 -10.09 -18.17 5.09
C SER C 158 -8.59 -17.93 4.98
N GLY C 159 -8.08 -17.94 3.76
CA GLY C 159 -6.66 -17.75 3.53
C GLY C 159 -6.26 -16.30 3.37
N THR C 160 -7.25 -15.40 3.44
CA THR C 160 -7.00 -13.97 3.30
C THR C 160 -6.18 -13.43 4.47
N THR C 161 -6.33 -14.05 5.63
CA THR C 161 -5.62 -13.62 6.84
C THR C 161 -4.22 -14.19 6.91
N ALA C 162 -3.77 -14.82 5.82
CA ALA C 162 -2.44 -15.41 5.77
C ALA C 162 -1.51 -14.61 4.87
N TYR C 163 -1.04 -15.26 3.80
CA TYR C 163 -0.12 -14.63 2.86
C TYR C 163 -0.79 -13.45 2.16
N ASN C 164 -2.08 -13.59 1.85
CA ASN C 164 -2.86 -12.54 1.24
C ASN C 164 -2.83 -11.26 2.05
N LYS C 165 -2.90 -11.40 3.38
CA LYS C 165 -2.83 -10.28 4.30
C LYS C 165 -1.51 -9.53 4.16
N SER C 166 -0.41 -10.28 4.17
CA SER C 166 0.92 -9.69 4.10
C SER C 166 1.17 -9.00 2.75
N LEU C 167 0.47 -9.45 1.72
CA LEU C 167 0.64 -8.91 0.38
C LEU C 167 -0.27 -7.70 0.13
N GLY C 168 -0.93 -7.24 1.19
CA GLY C 168 -1.79 -6.07 1.09
C GLY C 168 -3.18 -6.39 0.58
N GLY C 169 -3.53 -7.66 0.59
CA GLY C 169 -4.84 -8.10 0.14
C GLY C 169 -5.94 -7.76 1.12
N ALA C 170 -7.18 -7.93 0.70
CA ALA C 170 -8.32 -7.65 1.56
C ALA C 170 -8.70 -8.88 2.38
N LEU C 171 -9.27 -8.65 3.56
CA LEU C 171 -9.71 -9.74 4.41
C LEU C 171 -11.18 -10.07 4.14
N MET C 172 -11.44 -11.34 3.83
CA MET C 172 -12.80 -11.77 3.52
C MET C 172 -13.32 -12.74 4.58
N HIS C 173 -14.58 -12.57 4.96
CA HIS C 173 -15.23 -13.51 5.87
C HIS C 173 -15.44 -14.83 5.15
N PRO C 174 -15.07 -15.95 5.80
CA PRO C 174 -15.09 -17.28 5.19
C PRO C 174 -16.48 -17.81 4.87
N SER C 175 -17.52 -16.99 5.04
CA SER C 175 -18.87 -17.40 4.64
C SER C 175 -19.13 -16.96 3.20
N ILE C 176 -18.24 -16.12 2.68
CA ILE C 176 -18.35 -15.64 1.31
C ILE C 176 -17.62 -16.57 0.35
N GLU C 177 -18.37 -17.25 -0.50
CA GLU C 177 -17.80 -18.22 -1.43
C GLU C 177 -17.15 -17.51 -2.63
N ALA C 178 -15.86 -17.22 -2.50
CA ALA C 178 -15.12 -16.51 -3.54
C ALA C 178 -13.63 -16.75 -3.43
N MET C 179 -12.86 -16.13 -4.33
CA MET C 179 -11.41 -16.22 -4.31
C MET C 179 -10.80 -14.85 -4.59
N GLN C 180 -9.62 -14.59 -4.05
CA GLN C 180 -8.99 -13.27 -4.17
C GLN C 180 -7.62 -13.35 -4.83
N LEU C 181 -7.38 -12.47 -5.80
CA LEU C 181 -6.10 -12.42 -6.50
C LEU C 181 -5.30 -11.18 -6.09
N THR C 182 -4.08 -11.40 -5.63
CA THR C 182 -3.21 -10.30 -5.24
C THR C 182 -1.87 -10.35 -5.97
N GLU C 183 -1.27 -9.17 -6.16
CA GLU C 183 -0.02 -9.06 -6.90
C GLU C 183 1.19 -9.21 -5.98
N MET C 184 2.30 -9.69 -6.54
CA MET C 184 3.55 -9.80 -5.81
C MET C 184 4.64 -8.98 -6.48
N ALA C 185 4.89 -7.78 -5.95
CA ALA C 185 5.94 -6.90 -6.45
C ALA C 185 5.81 -6.66 -7.95
N SER C 186 4.65 -6.17 -8.37
CA SER C 186 4.42 -5.85 -9.78
C SER C 186 5.23 -4.62 -10.20
N ILE C 187 5.93 -4.72 -11.33
CA ILE C 187 6.72 -3.61 -11.83
C ILE C 187 5.79 -2.51 -12.32
N ASN C 188 4.64 -2.92 -12.86
CA ASN C 188 3.56 -2.01 -13.26
C ASN C 188 4.01 -0.79 -14.06
N ASN C 189 4.78 -1.01 -15.11
CA ASN C 189 5.20 0.09 -15.98
C ASN C 189 4.23 0.26 -17.15
N ARG C 190 4.65 1.02 -18.16
CA ARG C 190 3.77 1.31 -19.29
C ARG C 190 3.60 0.13 -20.24
N VAL C 191 4.59 -0.77 -20.25
CA VAL C 191 4.53 -1.94 -21.11
C VAL C 191 3.82 -3.10 -20.40
N TYR C 192 4.03 -3.20 -19.09
CA TYR C 192 3.36 -4.21 -18.28
C TYR C 192 2.40 -3.56 -17.27
N ARG C 193 1.28 -3.07 -17.77
CA ARG C 193 0.29 -2.39 -16.95
C ARG C 193 -0.58 -3.39 -16.20
N THR C 194 -0.62 -3.28 -14.87
CA THR C 194 -1.46 -4.16 -14.07
C THR C 194 -2.46 -3.34 -13.24
N ILE C 195 -3.48 -4.02 -12.72
CA ILE C 195 -4.56 -3.36 -12.00
C ILE C 195 -4.10 -2.84 -10.64
N GLY C 196 -3.12 -3.50 -10.04
CA GLY C 196 -2.62 -3.11 -8.73
C GLY C 196 -3.53 -3.55 -7.61
N SER C 197 -4.81 -3.20 -7.71
CA SER C 197 -5.80 -3.56 -6.71
C SER C 197 -6.03 -5.07 -6.68
N PRO C 198 -6.25 -5.63 -5.49
CA PRO C 198 -6.63 -7.04 -5.37
C PRO C 198 -7.95 -7.31 -6.06
N LEU C 199 -8.09 -8.50 -6.67
CA LEU C 199 -9.31 -8.84 -7.39
C LEU C 199 -10.03 -10.00 -6.73
N VAL C 200 -11.30 -9.81 -6.41
CA VAL C 200 -12.10 -10.84 -5.77
C VAL C 200 -13.08 -11.47 -6.75
N PHE C 201 -12.85 -12.73 -7.09
CA PHE C 201 -13.67 -13.45 -8.05
C PHE C 201 -14.67 -14.37 -7.35
N PRO C 202 -15.93 -14.35 -7.80
CA PRO C 202 -16.99 -15.21 -7.26
C PRO C 202 -16.90 -16.62 -7.81
N LYS C 203 -17.92 -17.43 -7.56
CA LYS C 203 -17.98 -18.79 -8.10
C LYS C 203 -18.13 -18.75 -9.61
N HIS C 204 -17.82 -19.87 -10.25
CA HIS C 204 -18.02 -20.06 -11.69
C HIS C 204 -17.19 -19.09 -12.53
N HIS C 205 -16.26 -18.39 -11.89
CA HIS C 205 -15.32 -17.53 -12.61
C HIS C 205 -13.95 -18.20 -12.68
N VAL C 206 -13.38 -18.22 -13.88
CA VAL C 206 -12.09 -18.87 -14.09
C VAL C 206 -11.00 -17.86 -14.41
N VAL C 207 -9.97 -17.83 -13.56
CA VAL C 207 -8.80 -17.00 -13.82
C VAL C 207 -7.68 -17.85 -14.39
N SER C 208 -7.28 -17.54 -15.62
CA SER C 208 -6.27 -18.33 -16.31
C SER C 208 -4.94 -17.59 -16.43
N LEU C 209 -3.88 -18.21 -15.93
CA LEU C 209 -2.54 -17.65 -16.05
C LEU C 209 -1.77 -18.36 -17.16
N GLN C 210 -1.45 -17.61 -18.21
CA GLN C 210 -0.79 -18.18 -19.38
C GLN C 210 0.60 -17.59 -19.60
N PRO C 211 1.59 -18.46 -19.82
CA PRO C 211 3.00 -18.07 -20.02
C PRO C 211 3.21 -17.21 -21.26
N VAL C 212 4.22 -16.35 -21.22
CA VAL C 212 4.54 -15.48 -22.34
C VAL C 212 5.81 -15.97 -23.04
N ASN C 213 6.85 -16.22 -22.27
CA ASN C 213 8.11 -16.73 -22.82
C ASN C 213 8.57 -17.99 -22.09
N ASP C 214 8.81 -17.86 -20.79
CA ASP C 214 9.21 -19.00 -19.97
C ASP C 214 7.99 -19.83 -19.57
N LYS C 215 8.14 -21.14 -19.61
CA LYS C 215 7.04 -22.05 -19.30
C LYS C 215 7.29 -22.84 -18.03
N ASP C 216 8.34 -22.46 -17.30
CA ASP C 216 8.66 -23.10 -16.02
C ASP C 216 8.27 -22.18 -14.86
N PHE C 217 7.50 -22.70 -13.92
CA PHE C 217 7.00 -21.89 -12.81
C PHE C 217 7.11 -22.60 -11.46
N GLN C 218 7.38 -21.84 -10.42
CA GLN C 218 7.35 -22.34 -9.05
C GLN C 218 5.93 -22.21 -8.49
N ILE C 219 5.13 -23.25 -8.68
CA ILE C 219 3.75 -23.25 -8.21
C ILE C 219 3.65 -23.78 -6.78
N SER C 220 3.03 -22.98 -5.91
CA SER C 220 2.86 -23.39 -4.53
C SER C 220 1.39 -23.57 -4.18
N VAL C 221 1.09 -24.62 -3.43
CA VAL C 221 -0.24 -24.83 -2.87
C VAL C 221 -0.14 -24.95 -1.36
N ASP C 222 -0.57 -23.90 -0.66
CA ASP C 222 -0.44 -23.80 0.79
C ASP C 222 1.02 -23.94 1.23
N HIS C 223 1.35 -25.04 1.90
CA HIS C 223 2.68 -25.22 2.47
C HIS C 223 3.63 -25.93 1.52
N LEU C 224 3.12 -26.41 0.40
CA LEU C 224 3.93 -27.13 -0.57
C LEU C 224 4.28 -26.27 -1.77
N SER C 225 5.55 -26.33 -2.19
CA SER C 225 6.01 -25.55 -3.34
C SER C 225 6.94 -26.39 -4.22
N ILE C 226 6.51 -26.62 -5.47
CA ILE C 226 7.30 -27.42 -6.40
C ILE C 226 7.42 -26.75 -7.77
N LEU C 227 8.45 -27.12 -8.52
CA LEU C 227 8.69 -26.56 -9.84
C LEU C 227 7.88 -27.32 -10.89
N HIS C 228 7.13 -26.59 -11.70
CA HIS C 228 6.38 -27.18 -12.79
C HIS C 228 6.97 -26.76 -14.14
N ARG C 229 7.41 -27.73 -14.92
CA ARG C 229 8.02 -27.44 -16.22
C ARG C 229 7.01 -27.58 -17.35
N ASP C 230 7.28 -26.89 -18.46
CA ASP C 230 6.47 -26.95 -19.67
C ASP C 230 5.00 -26.67 -19.38
N VAL C 231 4.75 -25.64 -18.58
CA VAL C 231 3.38 -25.26 -18.23
C VAL C 231 2.72 -24.50 -19.37
N GLN C 232 1.52 -24.91 -19.74
CA GLN C 232 0.78 -24.25 -20.82
C GLN C 232 -0.29 -23.32 -20.26
N GLU C 233 -0.86 -23.68 -19.12
CA GLU C 233 -1.95 -22.90 -18.53
C GLU C 233 -2.15 -23.22 -17.05
N ILE C 234 -2.38 -22.18 -16.26
CA ILE C 234 -2.69 -22.34 -14.84
C ILE C 234 -4.05 -21.74 -14.55
N ARG C 235 -5.02 -22.60 -14.23
CA ARG C 235 -6.40 -22.16 -14.07
C ARG C 235 -6.81 -22.07 -12.60
N TYR C 236 -7.53 -21.01 -12.26
CA TYR C 236 -8.01 -20.79 -10.90
C TYR C 236 -9.53 -20.65 -10.86
N GLU C 237 -10.16 -21.38 -9.95
CA GLU C 237 -11.61 -21.27 -9.75
C GLU C 237 -11.99 -21.79 -8.37
N VAL C 238 -13.11 -21.31 -7.84
CA VAL C 238 -13.60 -21.78 -6.56
C VAL C 238 -14.03 -23.23 -6.63
N SER C 239 -13.45 -24.06 -5.77
CA SER C 239 -13.74 -25.49 -5.76
C SER C 239 -15.16 -25.77 -5.26
N ALA C 240 -15.72 -26.89 -5.71
CA ALA C 240 -17.05 -27.31 -5.26
C ALA C 240 -16.94 -28.05 -3.94
N LYS C 241 -15.71 -28.47 -3.61
CA LYS C 241 -15.44 -29.17 -2.35
C LYS C 241 -15.21 -28.17 -1.22
N LYS C 242 -15.65 -28.53 -0.02
CA LYS C 242 -15.51 -27.66 1.13
C LYS C 242 -14.87 -28.38 2.32
N ILE C 243 -14.22 -27.61 3.19
CA ILE C 243 -13.65 -28.16 4.41
C ILE C 243 -14.60 -27.93 5.58
N HIS C 244 -14.80 -28.96 6.39
CA HIS C 244 -15.78 -28.89 7.48
C HIS C 244 -15.12 -28.79 8.85
N PHE C 245 -15.49 -27.77 9.61
CA PHE C 245 -15.00 -27.59 10.97
C PHE C 245 -16.06 -28.00 11.98
N ALA C 246 -15.62 -28.54 13.11
CA ALA C 246 -16.53 -28.92 14.18
C ALA C 246 -16.69 -27.78 15.18
N ARG C 247 -17.70 -26.94 14.96
CA ARG C 247 -17.94 -25.78 15.81
C ARG C 247 -18.42 -26.20 17.20
N PHE C 248 -17.72 -25.70 18.23
CA PHE C 248 -18.12 -25.97 19.61
C PHE C 248 -18.75 -24.72 20.21
N ARG C 249 -17.91 -23.76 20.58
CA ARG C 249 -18.37 -22.49 21.13
C ARG C 249 -18.50 -21.45 20.02
N SER C 250 -18.59 -20.18 20.40
CA SER C 250 -18.73 -19.10 19.45
C SER C 250 -17.48 -18.24 19.39
N PHE C 251 -16.62 -18.52 18.41
CA PHE C 251 -15.41 -17.73 18.19
C PHE C 251 -15.47 -17.09 16.80
N PRO C 252 -16.06 -15.88 16.72
CA PRO C 252 -16.25 -15.16 15.46
C PRO C 252 -14.96 -14.95 14.68
N PHE C 253 -15.06 -14.91 13.36
CA PHE C 253 -13.91 -14.71 12.49
C PHE C 253 -13.25 -13.36 12.72
N TRP C 254 -14.08 -12.31 12.84
CA TRP C 254 -13.58 -10.96 13.00
C TRP C 254 -12.94 -10.74 14.37
N ARG C 255 -13.47 -11.41 15.39
CA ARG C 255 -12.86 -11.37 16.72
C ARG C 255 -11.50 -12.06 16.67
N ARG C 256 -11.43 -13.14 15.90
CA ARG C 256 -10.18 -13.87 15.73
C ARG C 256 -9.17 -13.05 14.95
N VAL C 257 -9.65 -12.24 14.01
CA VAL C 257 -8.81 -11.31 13.28
C VAL C 257 -8.29 -10.23 14.23
N HIS C 258 -9.17 -9.76 15.11
CA HIS C 258 -8.82 -8.74 16.09
C HIS C 258 -7.71 -9.19 17.03
N ASP C 259 -7.82 -10.41 17.53
CA ASP C 259 -6.86 -10.93 18.50
C ASP C 259 -5.49 -11.19 17.87
N SER C 260 -5.44 -11.26 16.55
CA SER C 260 -4.20 -11.56 15.86
C SER C 260 -3.43 -10.31 15.46
N PHE C 261 -4.13 -9.35 14.85
CA PHE C 261 -3.46 -8.18 14.28
C PHE C 261 -3.64 -6.90 15.11
N ILE C 262 -4.82 -6.72 15.69
CA ILE C 262 -5.11 -5.49 16.43
C ILE C 262 -4.43 -5.45 17.80
N GLU C 263 -4.62 -6.52 18.58
CA GLU C 263 -4.04 -6.59 19.91
C GLU C 263 -2.51 -6.55 19.85
N MET D 1 -43.81 -0.12 -21.42
CA MET D 1 -44.49 0.09 -20.16
C MET D 1 -44.20 1.49 -19.61
N LYS D 2 -44.54 1.71 -18.34
CA LYS D 2 -44.30 3.00 -17.71
C LYS D 2 -42.80 3.24 -17.54
N TYR D 3 -42.27 4.20 -18.31
CA TYR D 3 -40.85 4.50 -18.29
C TYR D 3 -40.60 5.97 -17.95
N MET D 4 -39.32 6.33 -17.83
CA MET D 4 -38.92 7.71 -17.68
C MET D 4 -37.47 7.89 -18.11
N ILE D 5 -37.08 9.13 -18.43
CA ILE D 5 -35.72 9.42 -18.85
C ILE D 5 -35.13 10.62 -18.10
N THR D 6 -34.01 10.40 -17.44
CA THR D 6 -33.30 11.48 -16.76
C THR D 6 -32.16 12.02 -17.62
N SER D 7 -31.78 13.27 -17.39
CA SER D 7 -30.74 13.91 -18.18
C SER D 7 -29.74 14.66 -17.29
N LYS D 8 -28.50 14.77 -17.75
CA LYS D 8 -27.47 15.50 -17.03
C LYS D 8 -27.78 16.99 -16.98
N GLY D 9 -28.19 17.54 -18.12
CA GLY D 9 -28.53 18.95 -18.21
C GLY D 9 -27.92 19.62 -19.42
N ASP D 10 -26.91 19.00 -20.00
CA ASP D 10 -26.23 19.56 -21.17
C ASP D 10 -27.10 19.45 -22.42
N GLU D 11 -26.66 20.09 -23.49
CA GLU D 11 -27.42 20.12 -24.74
C GLU D 11 -27.49 18.76 -25.41
N LYS D 12 -26.39 18.01 -25.36
CA LYS D 12 -26.32 16.70 -25.98
C LYS D 12 -27.24 15.70 -25.28
N SER D 13 -27.31 15.79 -23.96
CA SER D 13 -28.14 14.87 -23.17
C SER D 13 -29.63 15.18 -23.35
N ASP D 14 -29.96 16.46 -23.35
CA ASP D 14 -31.35 16.88 -23.50
C ASP D 14 -31.88 16.61 -24.90
N LEU D 15 -31.01 16.77 -25.91
CA LEU D 15 -31.39 16.52 -27.29
C LEU D 15 -31.65 15.03 -27.52
N LEU D 16 -30.73 14.20 -27.03
CA LEU D 16 -30.86 12.76 -27.16
C LEU D 16 -32.07 12.24 -26.38
N ARG D 17 -32.38 12.93 -25.28
CA ARG D 17 -33.53 12.58 -24.47
C ARG D 17 -34.83 12.79 -25.23
N LEU D 18 -34.95 13.94 -25.89
CA LEU D 18 -36.12 14.26 -26.68
C LEU D 18 -36.21 13.35 -27.91
N ASN D 19 -35.05 13.02 -28.48
CA ASN D 19 -34.99 12.12 -29.62
C ASN D 19 -35.34 10.68 -29.23
N MET D 20 -35.27 10.40 -27.93
CA MET D 20 -35.58 9.07 -27.42
C MET D 20 -37.07 8.95 -27.10
N ILE D 21 -37.60 9.96 -26.42
CA ILE D 21 -39.02 9.99 -26.08
C ILE D 21 -39.89 9.98 -27.34
N ALA D 22 -39.42 10.66 -28.38
CA ALA D 22 -40.12 10.69 -29.65
C ALA D 22 -40.23 9.29 -30.25
N GLY D 23 -39.13 8.54 -30.18
CA GLY D 23 -39.11 7.18 -30.65
C GLY D 23 -39.78 6.23 -29.69
N PHE D 24 -39.88 6.66 -28.43
CA PHE D 24 -40.53 5.87 -27.39
C PHE D 24 -42.04 5.81 -27.61
N GLY D 25 -42.66 6.98 -27.79
CA GLY D 25 -44.09 7.07 -28.01
C GLY D 25 -44.52 6.43 -29.32
N GLU D 26 -43.54 6.21 -30.19
CA GLU D 26 -43.78 5.52 -31.46
C GLU D 26 -44.23 4.08 -31.21
N TYR D 27 -43.80 3.53 -30.09
CA TYR D 27 -44.24 2.20 -29.66
C TYR D 27 -45.16 2.32 -28.45
N ASP D 28 -45.58 1.17 -27.92
CA ASP D 28 -46.40 1.15 -26.71
C ASP D 28 -45.53 1.52 -25.50
N MET D 29 -45.43 2.82 -25.24
CA MET D 29 -44.60 3.30 -24.14
C MET D 29 -45.16 4.56 -23.50
N GLU D 30 -45.75 4.40 -22.31
CA GLU D 30 -46.29 5.52 -21.56
C GLU D 30 -45.24 6.14 -20.66
N TYR D 31 -44.93 7.41 -20.89
CA TYR D 31 -43.96 8.11 -20.06
C TYR D 31 -44.54 8.33 -18.66
N ASP D 32 -43.77 7.97 -17.64
CA ASP D 32 -44.22 8.07 -16.27
C ASP D 32 -43.06 8.29 -15.31
N ASP D 33 -43.03 9.46 -14.69
CA ASP D 33 -41.99 9.79 -13.72
C ASP D 33 -42.49 9.59 -12.30
N VAL D 34 -43.70 9.05 -12.18
CA VAL D 34 -44.31 8.78 -10.88
C VAL D 34 -44.29 7.28 -10.56
N GLU D 35 -44.65 6.47 -11.56
CA GLU D 35 -44.63 5.02 -11.40
C GLU D 35 -43.82 4.35 -12.50
N PRO D 36 -42.51 4.64 -12.58
CA PRO D 36 -41.71 4.11 -13.69
C PRO D 36 -41.32 2.65 -13.47
N GLU D 37 -41.12 1.93 -14.57
CA GLU D 37 -40.63 0.57 -14.51
C GLU D 37 -39.28 0.50 -15.22
N ILE D 38 -39.01 1.52 -16.04
CA ILE D 38 -37.76 1.63 -16.77
C ILE D 38 -37.20 3.06 -16.68
N VAL D 39 -36.05 3.20 -16.03
CA VAL D 39 -35.41 4.50 -15.91
C VAL D 39 -34.15 4.57 -16.77
N ILE D 40 -34.14 5.49 -17.73
CA ILE D 40 -32.99 5.69 -18.60
C ILE D 40 -32.20 6.92 -18.20
N SER D 41 -30.96 6.71 -17.79
CA SER D 41 -30.08 7.82 -17.38
C SER D 41 -29.17 8.24 -18.52
N ILE D 42 -29.18 9.53 -18.83
CA ILE D 42 -28.33 10.06 -19.89
C ILE D 42 -27.33 11.08 -19.34
N GLY D 43 -26.05 10.79 -19.53
CA GLY D 43 -24.99 11.67 -19.06
C GLY D 43 -23.76 10.91 -18.61
N GLY D 44 -23.69 10.63 -17.31
CA GLY D 44 -22.56 9.91 -16.76
C GLY D 44 -22.95 9.11 -15.52
N ASP D 45 -21.96 8.64 -14.79
CA ASP D 45 -22.20 7.88 -13.56
C ASP D 45 -22.81 8.76 -12.48
N GLY D 46 -22.40 10.03 -12.47
CA GLY D 46 -22.96 10.99 -11.53
C GLY D 46 -24.43 11.23 -11.80
N THR D 47 -24.79 11.26 -13.08
CA THR D 47 -26.18 11.42 -13.47
C THR D 47 -26.97 10.16 -13.14
N PHE D 48 -26.29 9.02 -13.22
CA PHE D 48 -26.91 7.73 -12.91
C PHE D 48 -27.24 7.62 -11.43
N LEU D 49 -26.34 8.11 -10.59
CA LEU D 49 -26.54 8.08 -9.14
C LEU D 49 -27.74 8.95 -8.74
N SER D 50 -27.95 10.03 -9.48
CA SER D 50 -29.09 10.91 -9.24
C SER D 50 -30.40 10.20 -9.57
N ALA D 51 -30.40 9.48 -10.69
CA ALA D 51 -31.57 8.72 -11.11
C ALA D 51 -31.86 7.58 -10.14
N PHE D 52 -30.82 7.09 -9.50
CA PHE D 52 -30.94 6.01 -8.52
C PHE D 52 -31.59 6.51 -7.23
N HIS D 53 -31.10 7.64 -6.73
CA HIS D 53 -31.59 8.21 -5.48
C HIS D 53 -33.00 8.78 -5.62
N GLN D 54 -33.42 9.01 -6.87
CA GLN D 54 -34.73 9.59 -7.13
C GLN D 54 -35.85 8.56 -6.93
N TYR D 55 -35.48 7.28 -6.97
CA TYR D 55 -36.46 6.21 -6.82
C TYR D 55 -35.96 5.08 -5.92
N GLU D 56 -35.56 5.43 -4.70
CA GLU D 56 -35.07 4.44 -3.74
C GLU D 56 -36.21 3.63 -3.16
N GLU D 57 -37.41 4.21 -3.13
CA GLU D 57 -38.56 3.58 -2.51
C GLU D 57 -39.13 2.47 -3.38
N ARG D 58 -38.91 2.56 -4.69
CA ARG D 58 -39.45 1.58 -5.63
C ARG D 58 -38.36 0.95 -6.50
N LEU D 59 -37.27 0.53 -5.86
CA LEU D 59 -36.15 -0.08 -6.57
C LEU D 59 -36.45 -1.50 -7.03
N ASP D 60 -37.44 -2.12 -6.39
CA ASP D 60 -37.80 -3.51 -6.71
C ASP D 60 -38.80 -3.60 -7.84
N GLU D 61 -39.01 -2.48 -8.54
CA GLU D 61 -39.96 -2.44 -9.66
C GLU D 61 -39.37 -1.69 -10.85
N ILE D 62 -38.07 -1.40 -10.80
CA ILE D 62 -37.44 -0.59 -11.83
C ILE D 62 -36.15 -1.23 -12.36
N ALA D 63 -36.05 -1.31 -13.69
CA ALA D 63 -34.81 -1.72 -14.34
C ALA D 63 -34.11 -0.51 -14.93
N PHE D 64 -32.82 -0.34 -14.62
CA PHE D 64 -32.09 0.85 -15.02
C PHE D 64 -31.24 0.65 -16.27
N ILE D 65 -31.15 1.70 -17.08
CA ILE D 65 -30.29 1.70 -18.26
C ILE D 65 -29.46 2.98 -18.29
N GLY D 66 -28.16 2.84 -18.43
CA GLY D 66 -27.26 3.98 -18.44
C GLY D 66 -26.68 4.29 -19.80
N ILE D 67 -26.76 5.55 -20.21
CA ILE D 67 -26.16 6.00 -21.46
C ILE D 67 -25.18 7.13 -21.21
N HIS D 68 -23.92 6.92 -21.56
CA HIS D 68 -22.88 7.91 -21.29
C HIS D 68 -22.76 8.93 -22.42
N THR D 69 -22.97 10.20 -22.07
CA THR D 69 -22.75 11.29 -23.01
C THR D 69 -21.28 11.66 -22.99
N GLY D 70 -20.66 11.51 -21.83
CA GLY D 70 -19.23 11.75 -21.67
C GLY D 70 -18.44 10.47 -21.80
N HIS D 71 -17.52 10.24 -20.86
CA HIS D 71 -16.67 9.06 -20.91
C HIS D 71 -17.44 7.81 -20.49
N LEU D 72 -16.88 6.65 -20.79
CA LEU D 72 -17.49 5.38 -20.43
C LEU D 72 -17.48 5.18 -18.92
N GLY D 73 -18.60 4.73 -18.38
CA GLY D 73 -18.71 4.46 -16.96
C GLY D 73 -19.13 3.02 -16.68
N PHE D 74 -19.14 2.65 -15.40
CA PHE D 74 -19.53 1.30 -15.02
C PHE D 74 -21.04 1.17 -14.92
N TYR D 75 -21.73 2.30 -15.03
CA TYR D 75 -23.19 2.31 -15.03
C TYR D 75 -23.72 2.79 -16.38
N ALA D 76 -23.22 3.93 -16.83
CA ALA D 76 -23.56 4.45 -18.15
C ALA D 76 -22.68 3.80 -19.21
N ASP D 77 -23.15 2.68 -19.75
CA ASP D 77 -22.36 1.89 -20.68
C ASP D 77 -22.76 2.09 -22.13
N TRP D 78 -24.05 2.35 -22.38
CA TRP D 78 -24.56 2.49 -23.73
C TRP D 78 -24.03 3.75 -24.41
N ARG D 79 -23.78 3.63 -25.71
CA ARG D 79 -23.26 4.74 -26.51
C ARG D 79 -24.39 5.71 -26.88
N PRO D 80 -24.05 6.99 -27.09
CA PRO D 80 -25.04 7.98 -27.52
C PRO D 80 -25.72 7.63 -28.84
N ALA D 81 -25.03 6.86 -29.68
CA ALA D 81 -25.54 6.47 -30.99
C ALA D 81 -26.30 5.15 -30.93
N GLU D 82 -26.04 4.36 -29.89
CA GLU D 82 -26.68 3.06 -29.72
C GLU D 82 -28.07 3.18 -29.10
N ALA D 83 -28.55 4.42 -28.97
CA ALA D 83 -29.87 4.67 -28.40
C ALA D 83 -30.97 4.30 -29.39
N ASP D 84 -30.58 4.04 -30.64
CA ASP D 84 -31.53 3.69 -31.68
C ASP D 84 -32.14 2.31 -31.44
N LYS D 85 -31.28 1.30 -31.33
CA LYS D 85 -31.73 -0.08 -31.14
C LYS D 85 -32.21 -0.31 -29.70
N LEU D 86 -31.81 0.59 -28.80
CA LEU D 86 -32.18 0.47 -27.39
C LEU D 86 -33.69 0.68 -27.22
N VAL D 87 -34.27 1.52 -28.07
CA VAL D 87 -35.70 1.81 -28.02
C VAL D 87 -36.51 0.58 -28.42
N LYS D 88 -36.08 -0.10 -29.47
CA LYS D 88 -36.80 -1.27 -29.99
C LYS D 88 -36.86 -2.42 -28.98
N LEU D 89 -35.68 -2.83 -28.50
CA LEU D 89 -35.59 -3.97 -27.58
C LEU D 89 -36.31 -3.72 -26.26
N LEU D 90 -36.36 -2.46 -25.84
CA LEU D 90 -36.95 -2.10 -24.56
C LEU D 90 -38.47 -2.15 -24.60
N ALA D 91 -39.03 -2.01 -25.80
CA ALA D 91 -40.48 -1.97 -25.98
C ALA D 91 -41.10 -3.37 -25.96
N LYS D 92 -40.39 -4.33 -26.53
CA LYS D 92 -40.89 -5.70 -26.64
C LYS D 92 -40.75 -6.47 -25.33
N GLY D 93 -39.96 -5.92 -24.41
CA GLY D 93 -39.76 -6.54 -23.11
C GLY D 93 -39.04 -7.87 -23.20
N GLU D 94 -37.83 -7.85 -23.75
CA GLU D 94 -37.05 -9.08 -23.92
C GLU D 94 -35.83 -9.10 -23.00
N TYR D 95 -35.43 -7.92 -22.52
CA TYR D 95 -34.24 -7.76 -21.69
C TYR D 95 -34.26 -8.63 -20.43
N GLN D 96 -33.08 -9.10 -20.03
CA GLN D 96 -32.93 -9.84 -18.79
C GLN D 96 -32.53 -8.87 -17.67
N LYS D 97 -32.92 -9.20 -16.44
CA LYS D 97 -32.61 -8.35 -15.30
C LYS D 97 -31.38 -8.82 -14.52
N VAL D 98 -30.46 -7.90 -14.27
CA VAL D 98 -29.28 -8.19 -13.48
C VAL D 98 -29.30 -7.37 -12.19
N SER D 99 -29.14 -8.05 -11.05
CA SER D 99 -29.26 -7.39 -9.76
C SER D 99 -27.91 -7.18 -9.07
N TYR D 100 -27.68 -5.96 -8.60
CA TYR D 100 -26.48 -5.64 -7.83
C TYR D 100 -26.85 -5.31 -6.38
N PRO D 101 -26.00 -5.73 -5.44
CA PRO D 101 -26.22 -5.47 -4.01
C PRO D 101 -26.14 -3.99 -3.67
N LEU D 102 -26.77 -3.58 -2.58
CA LEU D 102 -26.76 -2.19 -2.15
C LEU D 102 -26.33 -2.06 -0.69
N LEU D 103 -25.85 -0.88 -0.33
CA LEU D 103 -25.40 -0.63 1.03
C LEU D 103 -26.43 0.16 1.84
N LYS D 104 -26.76 -0.34 3.02
CA LYS D 104 -27.67 0.36 3.91
C LYS D 104 -26.90 1.16 4.94
N THR D 105 -27.20 2.45 5.03
CA THR D 105 -26.53 3.32 5.98
C THR D 105 -27.52 3.93 6.96
N THR D 106 -27.36 3.59 8.24
CA THR D 106 -28.25 4.10 9.29
C THR D 106 -27.52 5.00 10.29
N VAL D 107 -28.00 6.22 10.43
CA VAL D 107 -27.45 7.17 11.40
C VAL D 107 -28.36 7.20 12.64
N LYS D 108 -27.77 7.01 13.82
CA LYS D 108 -28.55 6.89 15.05
C LYS D 108 -28.35 8.05 16.02
N TYR D 109 -29.46 8.62 16.48
CA TYR D 109 -29.47 9.73 17.44
C TYR D 109 -30.89 10.11 17.84
N LYS D 114 -34.88 8.31 17.06
CA LYS D 114 -35.26 8.32 15.65
C LYS D 114 -34.05 8.10 14.76
N GLU D 115 -34.08 7.04 13.97
CA GLU D 115 -32.98 6.71 13.08
C GLU D 115 -33.13 7.38 11.72
N ALA D 116 -32.09 7.28 10.90
CA ALA D 116 -32.11 7.85 9.56
C ALA D 116 -31.40 6.91 8.58
N THR D 117 -32.18 6.29 7.71
CA THR D 117 -31.64 5.29 6.79
C THR D 117 -31.27 5.88 5.43
N TYR D 118 -30.23 5.33 4.83
CA TYR D 118 -29.79 5.75 3.50
C TYR D 118 -29.39 4.55 2.64
N LEU D 119 -29.54 4.68 1.33
CA LEU D 119 -29.14 3.63 0.41
C LEU D 119 -28.06 4.14 -0.55
N ALA D 120 -26.99 3.36 -0.70
CA ALA D 120 -25.88 3.76 -1.55
C ALA D 120 -25.65 2.75 -2.68
N LEU D 121 -25.36 3.27 -3.87
CA LEU D 121 -25.05 2.43 -5.01
C LEU D 121 -23.55 2.24 -5.15
N ASN D 122 -22.80 3.29 -4.83
CA ASN D 122 -21.34 3.23 -4.87
C ASN D 122 -20.74 2.94 -3.50
N GLU D 123 -20.83 3.93 -2.60
CA GLU D 123 -20.27 3.78 -1.27
C GLU D 123 -20.84 4.80 -0.29
N SER D 124 -20.41 4.72 0.96
CA SER D 124 -20.79 5.70 1.98
C SER D 124 -19.58 5.99 2.87
N THR D 125 -19.18 7.26 2.92
CA THR D 125 -17.99 7.64 3.68
C THR D 125 -18.35 8.51 4.88
N VAL D 126 -17.53 8.40 5.93
CA VAL D 126 -17.72 9.19 7.14
C VAL D 126 -16.42 9.89 7.52
N LYS D 127 -16.44 11.22 7.46
CA LYS D 127 -15.28 12.01 7.86
C LYS D 127 -15.65 12.99 8.97
N SER D 128 -14.64 13.60 9.58
CA SER D 128 -14.87 14.56 10.65
C SER D 128 -15.25 15.93 10.10
N SER D 129 -15.85 16.76 10.94
CA SER D 129 -16.30 18.08 10.53
C SER D 129 -15.29 19.16 10.87
N GLY D 130 -14.03 18.93 10.53
CA GLY D 130 -12.98 19.90 10.79
C GLY D 130 -11.78 19.30 11.52
N GLY D 131 -12.01 18.85 12.75
CA GLY D 131 -10.95 18.27 13.55
C GLY D 131 -10.60 16.86 13.14
N PRO D 132 -9.85 16.15 14.00
CA PRO D 132 -9.48 14.75 13.75
C PRO D 132 -10.69 13.83 13.75
N PHE D 133 -10.61 12.74 12.99
CA PHE D 133 -11.68 11.76 12.93
C PHE D 133 -11.34 10.53 13.77
N VAL D 134 -11.94 10.43 14.95
CA VAL D 134 -11.67 9.31 15.85
C VAL D 134 -12.96 8.59 16.23
N VAL D 135 -13.10 7.36 15.75
CA VAL D 135 -14.29 6.56 16.06
C VAL D 135 -13.90 5.14 16.47
N ASP D 136 -14.87 4.40 17.02
CA ASP D 136 -14.66 3.00 17.37
C ASP D 136 -15.42 2.10 16.40
N VAL D 137 -14.69 1.24 15.71
CA VAL D 137 -15.30 0.29 14.78
C VAL D 137 -15.81 -0.93 15.53
N VAL D 138 -17.12 -1.12 15.51
CA VAL D 138 -17.75 -2.24 16.19
C VAL D 138 -18.38 -3.21 15.20
N ILE D 139 -17.83 -4.43 15.16
CA ILE D 139 -18.32 -5.45 14.25
C ILE D 139 -19.18 -6.47 15.00
N ASN D 140 -20.47 -6.51 14.66
CA ASN D 140 -21.42 -7.42 15.28
C ASN D 140 -21.43 -7.28 16.81
N ASP D 141 -21.68 -6.07 17.28
CA ASP D 141 -21.77 -5.76 18.71
C ASP D 141 -20.47 -6.06 19.46
N ILE D 142 -19.37 -6.16 18.73
CA ILE D 142 -18.07 -6.40 19.34
C ILE D 142 -17.02 -5.44 18.78
N HIS D 143 -16.33 -4.73 19.67
CA HIS D 143 -15.30 -3.76 19.27
C HIS D 143 -14.18 -4.42 18.49
N PHE D 144 -13.79 -3.80 17.38
CA PHE D 144 -12.74 -4.34 16.53
C PHE D 144 -11.48 -3.47 16.57
N GLU D 145 -11.66 -2.16 16.46
CA GLU D 145 -10.54 -1.23 16.46
C GLU D 145 -10.98 0.19 16.78
N ARG D 146 -10.02 1.02 17.17
CA ARG D 146 -10.27 2.44 17.35
C ARG D 146 -9.54 3.24 16.28
N PHE D 147 -10.30 3.70 15.29
CA PHE D 147 -9.73 4.35 14.11
C PHE D 147 -9.45 5.84 14.35
N ARG D 148 -8.33 6.31 13.84
CA ARG D 148 -8.02 7.74 13.82
C ARG D 148 -7.32 8.13 12.53
N GLY D 149 -8.03 8.86 11.67
CA GLY D 149 -7.50 9.29 10.41
C GLY D 149 -8.41 10.30 9.72
N ASP D 150 -8.51 10.20 8.40
CA ASP D 150 -9.39 11.09 7.65
C ASP D 150 -10.83 10.56 7.66
N GLY D 151 -10.97 9.25 7.68
CA GLY D 151 -12.28 8.64 7.71
C GLY D 151 -12.33 7.19 7.30
N LEU D 152 -13.54 6.69 7.04
CA LEU D 152 -13.73 5.32 6.59
C LEU D 152 -14.67 5.28 5.39
N CYS D 153 -14.56 4.23 4.60
CA CYS D 153 -15.38 4.09 3.40
C CYS D 153 -15.97 2.69 3.27
N MET D 154 -17.29 2.59 3.36
CA MET D 154 -17.98 1.33 3.13
C MET D 154 -18.50 1.29 1.70
N SER D 155 -17.96 0.37 0.91
CA SER D 155 -18.25 0.35 -0.53
C SER D 155 -19.10 -0.84 -0.97
N THR D 156 -20.00 -0.57 -1.91
CA THR D 156 -20.77 -1.61 -2.58
C THR D 156 -19.86 -2.38 -3.52
N PRO D 157 -20.25 -3.61 -3.92
CA PRO D 157 -19.44 -4.37 -4.89
C PRO D 157 -19.25 -3.61 -6.21
N SER D 158 -20.31 -2.94 -6.67
CA SER D 158 -20.23 -2.17 -7.91
C SER D 158 -19.50 -0.86 -7.69
N GLY D 159 -19.39 -0.44 -6.44
CA GLY D 159 -18.73 0.82 -6.10
C GLY D 159 -17.26 0.64 -5.79
N THR D 160 -16.77 -0.59 -5.92
CA THR D 160 -15.37 -0.89 -5.62
C THR D 160 -14.42 -0.29 -6.65
N THR D 161 -14.89 -0.17 -7.89
CA THR D 161 -14.07 0.36 -8.97
C THR D 161 -14.04 1.89 -8.93
N ALA D 162 -14.66 2.48 -7.92
CA ALA D 162 -14.74 3.92 -7.80
C ALA D 162 -13.78 4.47 -6.75
N TYR D 163 -14.34 5.10 -5.71
CA TYR D 163 -13.53 5.68 -4.65
C TYR D 163 -12.77 4.60 -3.88
N ASN D 164 -13.36 3.42 -3.81
CA ASN D 164 -12.76 2.28 -3.11
C ASN D 164 -11.39 1.92 -3.66
N LYS D 165 -11.26 1.95 -4.99
CA LYS D 165 -9.99 1.61 -5.63
C LYS D 165 -8.90 2.64 -5.29
N SER D 166 -9.29 3.91 -5.28
CA SER D 166 -8.36 4.98 -4.97
C SER D 166 -7.80 4.88 -3.55
N LEU D 167 -8.57 4.26 -2.67
CA LEU D 167 -8.18 4.12 -1.27
C LEU D 167 -7.42 2.83 -1.02
N GLY D 168 -7.13 2.09 -2.08
CA GLY D 168 -6.39 0.84 -1.97
C GLY D 168 -7.29 -0.36 -1.76
N GLY D 169 -8.59 -0.15 -1.94
CA GLY D 169 -9.55 -1.22 -1.78
C GLY D 169 -9.47 -2.25 -2.90
N ALA D 170 -10.07 -3.40 -2.70
CA ALA D 170 -10.06 -4.46 -3.69
C ALA D 170 -11.25 -4.36 -4.63
N LEU D 171 -11.08 -4.87 -5.85
CA LEU D 171 -12.16 -4.88 -6.83
C LEU D 171 -12.87 -6.23 -6.79
N MET D 172 -14.13 -6.22 -6.36
CA MET D 172 -14.91 -7.45 -6.28
C MET D 172 -16.08 -7.42 -7.25
N HIS D 173 -16.38 -8.57 -7.83
CA HIS D 173 -17.46 -8.70 -8.81
C HIS D 173 -18.81 -8.44 -8.16
N PRO D 174 -19.68 -7.68 -8.86
CA PRO D 174 -20.99 -7.29 -8.35
C PRO D 174 -21.95 -8.46 -8.11
N SER D 175 -21.55 -9.68 -8.47
CA SER D 175 -22.39 -10.84 -8.21
C SER D 175 -22.20 -11.32 -6.77
N ILE D 176 -21.21 -10.75 -6.09
CA ILE D 176 -20.92 -11.08 -4.70
C ILE D 176 -21.68 -10.14 -3.75
N GLU D 177 -22.66 -10.69 -3.04
CA GLU D 177 -23.44 -9.90 -2.10
C GLU D 177 -22.65 -9.60 -0.83
N ALA D 178 -21.95 -8.47 -0.83
CA ALA D 178 -21.10 -8.10 0.29
C ALA D 178 -20.84 -6.60 0.31
N MET D 179 -20.11 -6.14 1.34
CA MET D 179 -19.71 -4.75 1.44
C MET D 179 -18.26 -4.66 1.91
N GLN D 180 -17.53 -3.67 1.41
CA GLN D 180 -16.11 -3.55 1.71
C GLN D 180 -15.78 -2.25 2.44
N LEU D 181 -15.06 -2.38 3.56
CA LEU D 181 -14.66 -1.23 4.35
C LEU D 181 -13.18 -0.93 4.16
N THR D 182 -12.87 0.31 3.77
CA THR D 182 -11.49 0.72 3.58
C THR D 182 -11.13 1.92 4.45
N GLU D 183 -9.85 2.05 4.78
CA GLU D 183 -9.37 3.14 5.61
C GLU D 183 -9.04 4.38 4.79
N MET D 184 -9.18 5.54 5.41
CA MET D 184 -8.78 6.80 4.80
C MET D 184 -7.70 7.48 5.63
N ALA D 185 -6.45 7.20 5.27
CA ALA D 185 -5.28 7.77 5.97
C ALA D 185 -5.29 7.47 7.46
N SER D 186 -5.28 6.19 7.82
CA SER D 186 -5.20 5.79 9.22
C SER D 186 -3.81 6.08 9.78
N ILE D 187 -3.77 6.62 10.99
CA ILE D 187 -2.49 6.91 11.63
C ILE D 187 -1.84 5.61 12.10
N ASN D 188 -2.68 4.63 12.42
CA ASN D 188 -2.26 3.28 12.79
C ASN D 188 -1.05 3.22 13.72
N ASN D 189 -1.24 3.56 14.98
CA ASN D 189 -0.15 3.52 15.95
C ASN D 189 -0.50 2.65 17.17
N ARG D 190 0.09 2.97 18.31
CA ARG D 190 -0.12 2.18 19.52
C ARG D 190 -1.56 2.29 20.03
N VAL D 191 -1.99 3.51 20.32
CA VAL D 191 -3.31 3.74 20.90
C VAL D 191 -4.43 3.73 19.85
N TYR D 192 -4.05 3.77 18.58
CA TYR D 192 -5.03 3.68 17.50
C TYR D 192 -4.60 2.64 16.46
N ARG D 193 -4.47 1.40 16.90
CA ARG D 193 -4.06 0.31 16.03
C ARG D 193 -5.22 -0.13 15.13
N THR D 194 -5.00 -0.13 13.82
CA THR D 194 -6.03 -0.54 12.88
C THR D 194 -5.53 -1.70 12.01
N ILE D 195 -6.48 -2.42 11.42
CA ILE D 195 -6.17 -3.61 10.64
C ILE D 195 -5.37 -3.28 9.38
N GLY D 196 -5.57 -2.08 8.84
CA GLY D 196 -4.89 -1.65 7.63
C GLY D 196 -5.54 -2.21 6.38
N SER D 197 -5.73 -3.53 6.35
CA SER D 197 -6.33 -4.20 5.21
C SER D 197 -7.81 -3.87 5.05
N PRO D 198 -8.28 -3.77 3.81
CA PRO D 198 -9.72 -3.63 3.54
C PRO D 198 -10.50 -4.84 4.03
N LEU D 199 -11.66 -4.61 4.64
CA LEU D 199 -12.46 -5.69 5.19
C LEU D 199 -13.74 -5.90 4.38
N VAL D 200 -13.98 -7.14 3.97
CA VAL D 200 -15.18 -7.48 3.21
C VAL D 200 -16.18 -8.23 4.08
N PHE D 201 -17.36 -7.64 4.26
CA PHE D 201 -18.39 -8.23 5.11
C PHE D 201 -19.55 -8.77 4.28
N PRO D 202 -20.01 -9.98 4.62
CA PRO D 202 -21.17 -10.59 3.95
C PRO D 202 -22.49 -10.02 4.45
N LYS D 203 -23.59 -10.65 4.09
CA LYS D 203 -24.90 -10.22 4.56
C LYS D 203 -25.05 -10.48 6.06
N HIS D 204 -26.01 -9.79 6.68
CA HIS D 204 -26.35 -9.95 8.09
C HIS D 204 -25.20 -9.54 9.02
N HIS D 205 -24.15 -8.97 8.46
CA HIS D 205 -23.04 -8.43 9.25
C HIS D 205 -23.20 -6.93 9.42
N VAL D 206 -23.14 -6.47 10.66
CA VAL D 206 -23.36 -5.05 10.95
C VAL D 206 -22.09 -4.38 11.46
N VAL D 207 -21.64 -3.36 10.74
CA VAL D 207 -20.49 -2.57 11.15
C VAL D 207 -20.95 -1.26 11.78
N SER D 208 -20.70 -1.11 13.08
CA SER D 208 -21.14 0.07 13.82
C SER D 208 -19.99 1.01 14.15
N LEU D 209 -20.08 2.24 13.65
CA LEU D 209 -19.07 3.25 13.95
C LEU D 209 -19.55 4.12 15.12
N GLN D 210 -18.76 4.17 16.18
CA GLN D 210 -19.13 4.91 17.37
C GLN D 210 -18.10 5.98 17.72
N PRO D 211 -18.57 7.22 17.94
CA PRO D 211 -17.71 8.36 18.28
C PRO D 211 -17.01 8.20 19.62
N VAL D 212 -15.93 8.95 19.83
CA VAL D 212 -15.20 8.92 21.09
C VAL D 212 -15.39 10.24 21.84
N ASN D 213 -15.22 11.35 21.14
CA ASN D 213 -15.40 12.67 21.72
C ASN D 213 -16.31 13.54 20.86
N ASP D 214 -15.82 13.92 19.68
CA ASP D 214 -16.59 14.75 18.76
C ASP D 214 -17.70 13.93 18.11
N LYS D 215 -18.91 14.46 18.13
CA LYS D 215 -20.07 13.76 17.56
C LYS D 215 -20.60 14.48 16.32
N ASP D 216 -19.76 15.31 15.71
CA ASP D 216 -20.11 15.98 14.47
C ASP D 216 -19.31 15.43 13.30
N PHE D 217 -19.99 14.75 12.38
CA PHE D 217 -19.32 14.08 11.27
C PHE D 217 -19.86 14.51 9.92
N GLN D 218 -19.01 14.41 8.90
CA GLN D 218 -19.42 14.66 7.52
C GLN D 218 -19.77 13.36 6.82
N ILE D 219 -21.00 12.91 7.01
CA ILE D 219 -21.47 11.66 6.42
C ILE D 219 -21.81 11.88 4.94
N SER D 220 -21.23 11.05 4.08
CA SER D 220 -21.41 11.19 2.64
C SER D 220 -21.94 9.92 1.99
N VAL D 221 -23.17 9.99 1.47
CA VAL D 221 -23.75 8.88 0.74
C VAL D 221 -23.71 9.16 -0.76
N ASP D 222 -22.81 8.46 -1.46
CA ASP D 222 -22.62 8.63 -2.89
C ASP D 222 -22.29 10.08 -3.27
N HIS D 223 -23.20 10.73 -3.98
CA HIS D 223 -22.94 12.05 -4.54
C HIS D 223 -23.22 13.18 -3.54
N LEU D 224 -23.87 12.85 -2.43
CA LEU D 224 -24.22 13.87 -1.44
C LEU D 224 -23.47 13.67 -0.13
N SER D 225 -23.24 14.77 0.59
CA SER D 225 -22.56 14.73 1.88
C SER D 225 -23.22 15.66 2.88
N ILE D 226 -23.74 15.09 3.96
CA ILE D 226 -24.44 15.87 4.96
C ILE D 226 -23.65 15.97 6.26
N LEU D 227 -23.58 17.18 6.82
CA LEU D 227 -22.88 17.41 8.08
C LEU D 227 -23.78 17.08 9.27
N HIS D 228 -23.82 15.80 9.63
CA HIS D 228 -24.67 15.35 10.74
C HIS D 228 -24.09 15.78 12.09
N ARG D 229 -24.95 16.36 12.92
CA ARG D 229 -24.55 16.77 14.26
C ARG D 229 -25.18 15.86 15.32
N ASP D 230 -24.51 15.74 16.47
CA ASP D 230 -24.96 14.90 17.57
C ASP D 230 -25.18 13.46 17.13
N VAL D 231 -24.11 12.83 16.66
CA VAL D 231 -24.18 11.45 16.18
C VAL D 231 -23.77 10.47 17.28
N GLN D 232 -24.60 9.45 17.50
CA GLN D 232 -24.33 8.45 18.53
C GLN D 232 -23.83 7.14 17.92
N GLU D 233 -24.32 6.81 16.73
CA GLU D 233 -23.97 5.56 16.08
C GLU D 233 -24.20 5.59 14.58
N ILE D 234 -23.26 5.00 13.83
CA ILE D 234 -23.39 4.87 12.39
C ILE D 234 -23.28 3.40 12.00
N ARG D 235 -24.40 2.80 11.58
CA ARG D 235 -24.44 1.38 11.29
C ARG D 235 -24.40 1.08 9.80
N TYR D 236 -23.61 0.08 9.42
CA TYR D 236 -23.50 -0.33 8.02
C TYR D 236 -23.86 -1.80 7.86
N GLU D 237 -24.62 -2.11 6.81
CA GLU D 237 -25.01 -3.48 6.50
C GLU D 237 -25.49 -3.61 5.06
N VAL D 238 -25.39 -4.81 4.51
CA VAL D 238 -25.85 -5.07 3.15
C VAL D 238 -27.38 -5.01 3.09
N SER D 239 -27.89 -4.04 2.32
CA SER D 239 -29.33 -3.83 2.22
C SER D 239 -30.03 -5.00 1.54
N ALA D 240 -31.28 -5.22 1.90
CA ALA D 240 -32.09 -6.28 1.31
C ALA D 240 -32.53 -5.91 -0.10
N LYS D 241 -32.54 -4.60 -0.38
CA LYS D 241 -32.93 -4.10 -1.69
C LYS D 241 -31.76 -4.16 -2.67
N LYS D 242 -32.07 -4.47 -3.93
CA LYS D 242 -31.05 -4.55 -4.97
C LYS D 242 -31.48 -3.75 -6.20
N ILE D 243 -30.50 -3.20 -6.91
CA ILE D 243 -30.76 -2.44 -8.12
C ILE D 243 -30.73 -3.36 -9.35
N HIS D 244 -31.75 -3.24 -10.20
CA HIS D 244 -31.86 -4.11 -11.37
C HIS D 244 -31.44 -3.40 -12.65
N PHE D 245 -30.69 -4.12 -13.49
CA PHE D 245 -30.23 -3.58 -14.76
C PHE D 245 -30.83 -4.35 -15.93
N ALA D 246 -31.30 -3.62 -16.93
CA ALA D 246 -31.83 -4.23 -18.14
C ALA D 246 -30.69 -4.70 -19.03
N ARG D 247 -30.43 -6.01 -19.01
CA ARG D 247 -29.33 -6.59 -19.78
C ARG D 247 -29.74 -6.86 -21.22
N PHE D 248 -29.12 -6.14 -22.15
CA PHE D 248 -29.36 -6.34 -23.57
C PHE D 248 -28.18 -7.08 -24.21
N ARG D 249 -27.01 -6.45 -24.16
CA ARG D 249 -25.80 -7.04 -24.70
C ARG D 249 -25.00 -7.72 -23.60
N SER D 250 -23.82 -8.23 -23.95
CA SER D 250 -22.97 -8.92 -22.99
C SER D 250 -21.69 -8.14 -22.73
N PHE D 251 -21.69 -7.33 -21.69
CA PHE D 251 -20.51 -6.56 -21.31
C PHE D 251 -20.02 -6.99 -19.92
N PRO D 252 -19.04 -7.89 -19.87
CA PRO D 252 -18.49 -8.43 -18.61
C PRO D 252 -17.92 -7.33 -17.70
N PHE D 253 -18.07 -7.52 -16.40
CA PHE D 253 -17.60 -6.55 -15.42
C PHE D 253 -16.08 -6.38 -15.47
N TRP D 254 -15.36 -7.48 -15.54
CA TRP D 254 -13.90 -7.46 -15.58
C TRP D 254 -13.39 -6.87 -16.89
N ARG D 255 -14.22 -6.94 -17.92
CA ARG D 255 -13.88 -6.35 -19.21
C ARG D 255 -13.98 -4.83 -19.11
N ARG D 256 -14.96 -4.35 -18.35
CA ARG D 256 -15.13 -2.93 -18.11
C ARG D 256 -14.00 -2.38 -17.25
N VAL D 257 -13.53 -3.21 -16.31
CA VAL D 257 -12.40 -2.83 -15.46
C VAL D 257 -11.13 -2.73 -16.29
N HIS D 258 -10.97 -3.65 -17.24
CA HIS D 258 -9.81 -3.67 -18.12
C HIS D 258 -9.73 -2.42 -18.99
N ASP D 259 -10.87 -2.03 -19.56
CA ASP D 259 -10.91 -0.88 -20.46
C ASP D 259 -10.63 0.43 -19.74
N SER D 260 -10.87 0.45 -18.43
CA SER D 260 -10.74 1.66 -17.64
C SER D 260 -9.32 1.90 -17.13
N PHE D 261 -8.71 0.86 -16.56
CA PHE D 261 -7.45 1.03 -15.84
C PHE D 261 -6.25 0.37 -16.52
N ILE D 262 -6.50 -0.51 -17.50
CA ILE D 262 -5.43 -1.27 -18.12
C ILE D 262 -5.24 -0.88 -19.59
N GLU D 263 -6.05 0.05 -20.07
CA GLU D 263 -6.11 0.39 -21.49
C GLU D 263 -6.49 -0.83 -22.32
C1 CIT E . 22.83 14.39 -14.72
O1 CIT E . 24.08 14.42 -14.65
O2 CIT E . 22.30 13.76 -15.65
C2 CIT E . 21.98 15.10 -13.69
C3 CIT E . 20.96 14.14 -13.11
O7 CIT E . 20.04 13.73 -14.15
C4 CIT E . 20.19 14.82 -11.98
C5 CIT E . 19.28 15.89 -12.53
O3 CIT E . 18.82 15.82 -13.69
O4 CIT E . 18.98 16.88 -11.82
C6 CIT E . 21.66 12.92 -12.55
O5 CIT E . 21.15 11.79 -12.67
O6 CIT E . 22.78 13.03 -11.99
C2 5AJ F . 11.09 -5.02 -10.32
C4 5AJ F . 12.78 -6.40 -9.78
C5 5AJ F . 11.89 -7.28 -9.25
C6 5AJ F . 10.56 -6.97 -9.29
N9 5AJ F . 13.97 -6.89 -9.63
NBH 5AJ F . 19.56 -9.27 -14.29
NBG 5AJ F . 18.75 -8.55 -13.55
NBF 5AJ F . 17.95 -7.84 -12.81
CBE 5AJ F . 18.06 -7.81 -11.34
CBC 5AJ F . 17.14 -6.73 -10.80
OBD 5AJ F . 15.82 -7.18 -10.80
CBB 5AJ F . 17.37 -6.54 -9.32
OBI 5AJ F . 18.44 -5.66 -9.13
CBA 5AJ F . 16.06 -5.89 -8.92
OBJ 5AJ F . 16.26 -4.52 -8.88
CAZ 5AJ F . 15.14 -6.23 -10.08
N3 5AJ F . 12.35 -5.28 -10.30
N1 5AJ F . 10.22 -5.84 -9.82
N6 5AJ F . 9.64 -7.73 -8.80
N7 5AJ F . 12.58 -8.28 -8.79
C8 5AJ F . 13.84 -8.03 -9.03
SAP 5AJ F . 15.09 -9.07 -8.62
CAO 5AJ F . 14.27 -10.01 -7.29
CAM 5AJ F . 13.70 -11.36 -7.71
OAN 5AJ F . 14.38 -12.38 -7.71
NAL 5AJ F . 12.42 -11.35 -7.96
CAK 5AJ F . 11.73 -12.54 -8.40
CAJ 5AJ F . 12.11 -12.82 -9.83
CAH 5AJ F . 12.23 -11.56 -10.66
NAI 5AJ F . 11.22 -10.81 -11.03
CAD 5AJ F . 11.67 -9.81 -11.72
CAC 5AJ F . 11.05 -8.76 -12.34
CAB 5AJ F . 11.78 -7.83 -13.01
CAA 5AJ F . 13.15 -7.98 -13.08
CAF 5AJ F . 13.77 -9.04 -12.46
CAE 5AJ F . 13.03 -9.95 -11.78
NAG 5AJ F . 13.34 -11.04 -11.13
C1 CIT G . 19.93 15.25 13.72
O1 CIT G . 20.92 14.88 13.06
O2 CIT G . 19.04 15.91 13.15
C2 CIT G . 19.81 14.88 15.19
C3 CIT G . 18.92 13.68 15.43
O7 CIT G . 18.75 13.48 16.86
C4 CIT G . 19.56 12.44 14.82
C5 CIT G . 19.46 11.28 15.78
O3 CIT G . 20.40 10.99 16.54
O4 CIT G . 18.41 10.60 15.83
C6 CIT G . 17.54 13.85 14.80
O5 CIT G . 17.38 13.79 13.56
O6 CIT G . 16.56 14.06 15.53
C2 5AJ H . -2.08 11.64 10.66
C4 5AJ H . -2.66 13.78 10.15
C5 5AJ H . -3.74 13.33 9.45
C6 5AJ H . -3.94 11.97 9.38
N9 5AJ H . -2.66 15.08 10.08
NBH 5AJ H . -1.47 17.67 15.03
NBG 5AJ H . -2.07 18.43 14.19
NBF 5AJ H . -2.68 19.18 13.34
CBE 5AJ H . -2.38 19.12 11.91
CBC 5AJ H . -1.44 17.95 11.63
OBD 5AJ H . -2.22 16.78 11.64
CBB 5AJ H . -1.08 18.16 10.18
OBI 5AJ H . 0.20 18.73 10.13
CBA 5AJ H . -1.00 16.76 9.64
OBJ 5AJ H . 0.36 16.46 9.59
CAZ 5AJ H . -1.64 15.90 10.71
N3 5AJ H . -1.86 12.91 10.74
N1 5AJ H . -3.11 11.17 9.99
N6 5AJ H . -4.94 11.46 8.72
N7 5AJ H . -4.35 14.37 8.95
C8 5AJ H . -3.69 15.44 9.34
SAP 5AJ H . -4.14 17.05 8.96
CAO 5AJ H . -4.87 16.84 7.34
CAM 5AJ H . -6.36 16.53 7.27
OAN 5AJ H . -6.95 16.71 6.22
NAL 5AJ H . -6.97 16.03 8.31
CAK 5AJ H . -8.38 15.72 8.17
CAJ 5AJ H . -8.94 15.16 9.47
CAH 5AJ H . -7.83 14.77 10.41
NAI 5AJ H . -7.62 13.56 10.89
CAD 5AJ H . -6.57 13.61 11.67
CAC 5AJ H . -5.92 12.65 12.41
CAB 5AJ H . -4.81 13.00 13.15
CAA 5AJ H . -4.37 14.28 13.14
CAF 5AJ H . -5.02 15.25 12.40
CAE 5AJ H . -6.12 14.89 11.67
NAG 5AJ H . -6.91 15.58 10.88
C1 GOL I . 7.21 -9.47 -1.43
O1 GOL I . 5.86 -9.17 -1.70
C2 GOL I . 7.77 -10.31 -2.56
O2 GOL I . 6.91 -10.26 -3.67
C3 GOL I . 7.91 -11.76 -2.11
O3 GOL I . 8.43 -12.54 -3.17
C2 5AJ J . 2.00 -14.80 6.14
C4 5AJ J . 2.67 -16.49 4.82
C5 5AJ J . 3.66 -15.72 4.32
C6 5AJ J . 3.78 -14.44 4.80
N9 5AJ J . 2.72 -17.63 4.26
NBH 5AJ J . 2.07 -21.61 8.38
NBG 5AJ J . 2.61 -22.00 7.26
NBF 5AJ J . 3.13 -22.37 6.14
CBE 5AJ J . 2.44 -22.16 4.85
CBC 5AJ J . 1.60 -20.88 4.83
OBD 5AJ J . 2.43 -19.79 5.08
CBB 5AJ J . 1.13 -20.62 3.42
OBI 5AJ J . -0.13 -21.19 3.26
CBA 5AJ J . 1.00 -19.13 3.39
OBJ 5AJ J . -0.34 -18.78 3.59
CAZ 5AJ J . 1.77 -18.68 4.61
N3 5AJ J . 1.85 -16.01 5.72
N1 5AJ J . 2.93 -14.04 5.70
N6 5AJ J . 4.68 -13.61 4.40
N7 5AJ J . 4.31 -16.46 3.45
C8 5AJ J . 3.72 -17.63 3.41
SAP 5AJ J . 4.22 -18.94 2.41
CAO 5AJ J . 4.98 -18.02 1.04
CAM 5AJ J . 6.48 -18.15 1.07
OAN 5AJ J . 7.05 -19.07 0.48
NAL 5AJ J . 7.10 -17.26 1.79
CAK 5AJ J . 8.53 -17.26 1.99
CAJ 5AJ J . 8.88 -17.88 3.35
CAH 5AJ J . 7.85 -17.66 4.44
NAI 5AJ J . 7.71 -16.57 5.14
CAD 5AJ J . 6.72 -16.74 5.99
CAC 5AJ J . 6.16 -15.92 6.94
CAB 5AJ J . 5.12 -16.36 7.70
CAA 5AJ J . 4.66 -17.64 7.52
CAF 5AJ J . 5.23 -18.47 6.57
CAE 5AJ J . 6.27 -18.01 5.81
NAG 5AJ J . 6.98 -18.54 4.86
C2 5AJ K . -12.42 7.82 -7.45
C4 5AJ K . -14.01 9.03 -6.35
C5 5AJ K . -13.03 9.71 -5.67
C6 5AJ K . -11.71 9.38 -5.93
N9 5AJ K . -15.16 9.48 -5.95
NBH 5AJ K . -20.04 9.90 -9.78
NBG 5AJ K . -19.99 10.59 -8.69
NBF 5AJ K . -19.93 11.27 -7.59
CBE 5AJ K . -19.56 10.65 -6.32
CBC 5AJ K . -18.52 9.59 -6.55
OBD 5AJ K . -17.25 10.15 -6.43
CBB 5AJ K . -18.51 8.69 -5.34
OBI 5AJ K . -19.46 7.67 -5.49
CBA 5AJ K . -17.10 8.13 -5.43
OBJ 5AJ K . -17.15 6.85 -5.97
CAZ 5AJ K . -16.44 9.03 -6.44
N3 5AJ K . -13.68 8.11 -7.24
N1 5AJ K . -11.46 8.44 -6.83
N6 5AJ K . -10.69 9.95 -5.35
N7 5AJ K . -13.61 10.56 -4.86
C8 5AJ K . -14.91 10.40 -5.05
SAP 5AJ K . -16.10 11.31 -4.23
CAO 5AJ K . -15.06 11.87 -2.85
CAM 5AJ K . -14.61 13.33 -2.96
OAN 5AJ K . -15.39 14.27 -2.75
NAL 5AJ K . -13.34 13.51 -3.26
CAK 5AJ K . -12.78 14.84 -3.39
CAJ 5AJ K . -12.13 14.93 -4.75
CAH 5AJ K . -12.84 14.11 -5.81
NAI 5AJ K . -12.23 13.36 -6.71
CAD 5AJ K . -13.14 12.79 -7.48
CAC 5AJ K . -13.03 11.93 -8.55
CAB 5AJ K . -14.17 11.50 -9.18
CAA 5AJ K . -15.41 11.90 -8.74
CAF 5AJ K . -15.50 12.77 -7.66
CAE 5AJ K . -14.36 13.21 -7.03
NAG 5AJ K . -14.15 14.01 -6.00
#